data_3QCU
#
_entry.id   3QCU
#
_cell.length_a   86.526
_cell.length_b   184.351
_cell.length_c   130.000
_cell.angle_alpha   90.000
_cell.angle_beta   90.000
_cell.angle_gamma   90.000
#
_symmetry.space_group_name_H-M   'C 2 2 21'
#
loop_
_entity.id
_entity.type
_entity.pdbx_description
1 polymer 'LT3015 antibody Fab fragment, heavy chain'
2 polymer 'LT3015 antibody Fab fragment, light chain'
3 non-polymer '(2R)-2-hydroxy-3-(phosphonooxy)propyl tetradecanoate'
4 water water
#
loop_
_entity_poly.entity_id
_entity_poly.type
_entity_poly.pdbx_seq_one_letter_code
_entity_poly.pdbx_strand_id
1 'polypeptide(L)'
;EVQLVQSGAEVKKPGESLKISCQAFGYGFINYLIEWIRQMPGQGLEWIGLINPGSDYTNYNENFKGQATLSADKSSSTAY
LQWSSLKASDTAMYFCARRFGYYGSGNYFDYWGQGTMVTVSSASTKGPSVFPLAPSSKSTSGGTAALGCLVKDYFPEPVT
VSWNSGALTSGVHTFPAVLQSSGLYSLSSVVTVPSSSLGTQTYICNVNHKPSNTKVDKRVEPK
;
H,I
2 'polypeptide(L)'
;DVVMTQTPLSLPVTPGEPASISCTSGQSLVHINGNTYLHWYLQKPGQSPKLLIYKVSNLFSGVPDRFSGSGSGTDFTLKI
SRVEAEDVGVYFCSQSTHFPFTFGQGTKLEIKRTVAAPSVFIFPPSDEQLKSGTASVVCLLNNFYPREAKVQWKVDNALQ
SGNSQESVTEQDSKDSTYSLSSTLTLSKADYEKHKVYACEVTHQGLSSPVTKSFNRGE
;
L,M
#
loop_
_chem_comp.id
_chem_comp.type
_chem_comp.name
_chem_comp.formula
NKN non-polymer '(2R)-2-hydroxy-3-(phosphonooxy)propyl tetradecanoate' 'C17 H35 O7 P'
#
# COMPACT_ATOMS: atom_id res chain seq x y z
N GLU A 1 4.76 14.87 -5.24
CA GLU A 1 3.57 14.15 -4.69
C GLU A 1 2.62 15.11 -3.96
N VAL A 2 1.38 15.19 -4.44
CA VAL A 2 0.28 15.90 -3.77
C VAL A 2 -0.42 14.94 -2.79
N GLN A 3 -0.76 15.47 -1.61
CA GLN A 3 -1.38 14.73 -0.51
C GLN A 3 -2.52 15.59 0.03
N LEU A 4 -3.56 14.94 0.54
CA LEU A 4 -4.68 15.62 1.19
C LEU A 4 -4.78 15.00 2.58
N VAL A 5 -4.72 15.84 3.62
CA VAL A 5 -4.85 15.33 5.00
C VAL A 5 -6.11 15.85 5.69
N GLN A 6 -6.95 14.92 6.14
CA GLN A 6 -8.22 15.28 6.73
C GLN A 6 -8.16 15.29 8.26
N SER A 7 -9.09 16.01 8.88
CA SER A 7 -9.14 16.11 10.34
C SER A 7 -9.58 14.77 10.95
N GLY A 8 -9.39 14.63 12.27
CA GLY A 8 -9.61 13.37 12.98
C GLY A 8 -11.06 12.96 13.08
N ALA A 9 -11.29 11.70 13.44
CA ALA A 9 -12.62 11.12 13.63
C ALA A 9 -13.48 11.97 14.56
N GLU A 10 -14.78 12.03 14.25
CA GLU A 10 -15.71 12.89 15.00
C GLU A 10 -16.86 12.04 15.53
N VAL A 11 -17.25 12.28 16.76
CA VAL A 11 -18.47 11.69 17.32
C VAL A 11 -19.44 12.80 17.69
N LYS A 12 -20.66 12.73 17.15
CA LYS A 12 -21.63 13.80 17.28
C LYS A 12 -22.99 13.28 17.73
N LYS A 13 -23.74 14.13 18.41
CA LYS A 13 -25.11 13.79 18.78
C LYS A 13 -26.06 14.24 17.67
N PRO A 14 -27.19 13.53 17.48
CA PRO A 14 -28.25 13.96 16.53
C PRO A 14 -28.62 15.41 16.74
N GLY A 15 -28.73 16.17 15.65
CA GLY A 15 -29.10 17.58 15.76
C GLY A 15 -27.94 18.55 15.79
N GLU A 16 -26.74 18.04 16.10
CA GLU A 16 -25.54 18.87 16.13
C GLU A 16 -24.99 19.15 14.72
N SER A 17 -24.01 20.05 14.66
CA SER A 17 -23.32 20.36 13.42
C SER A 17 -21.89 19.82 13.48
N LEU A 18 -21.27 19.67 12.31
CA LEU A 18 -19.84 19.39 12.25
C LEU A 18 -19.14 20.25 11.20
N LYS A 19 -17.83 20.38 11.32
CA LYS A 19 -16.98 21.03 10.33
C LYS A 19 -15.67 20.24 10.29
N ILE A 20 -15.38 19.62 9.15
CA ILE A 20 -14.17 18.81 9.01
C ILE A 20 -13.28 19.39 7.92
N SER A 21 -11.96 19.18 8.04
CA SER A 21 -11.04 19.85 7.13
C SER A 21 -10.30 18.89 6.20
N CYS A 22 -9.80 19.47 5.12
CA CYS A 22 -9.06 18.76 4.09
C CYS A 22 -7.94 19.66 3.68
N GLN A 23 -6.75 19.35 4.19
CA GLN A 23 -5.59 20.19 4.00
C GLN A 23 -4.78 19.76 2.78
N ALA A 24 -4.52 20.69 1.87
CA ALA A 24 -3.72 20.39 0.69
C ALA A 24 -2.25 20.82 0.85
N PHE A 25 -1.36 20.11 0.17
CA PHE A 25 0.07 20.45 0.12
C PHE A 25 0.51 20.36 -1.34
N GLY A 26 0.87 21.52 -1.87
CA GLY A 26 1.38 21.68 -3.22
C GLY A 26 0.98 23.08 -3.60
N TYR A 27 1.67 23.69 -4.55
CA TYR A 27 1.25 24.99 -5.05
C TYR A 27 -0.03 24.79 -5.85
N GLY A 28 -0.78 25.88 -6.03
CA GLY A 28 -1.89 25.90 -6.99
C GLY A 28 -3.23 25.44 -6.47
N PHE A 29 -3.39 25.49 -5.15
CA PHE A 29 -4.66 25.16 -4.46
C PHE A 29 -5.84 25.90 -5.10
N ILE A 30 -5.60 27.12 -5.56
CA ILE A 30 -6.67 27.96 -6.10
C ILE A 30 -7.30 27.39 -7.35
N ASN A 31 -6.55 26.56 -8.06
CA ASN A 31 -7.08 25.92 -9.29
C ASN A 31 -7.56 24.49 -9.08
N TYR A 32 -7.53 24.00 -7.83
CA TYR A 32 -8.00 22.67 -7.53
C TYR A 32 -9.50 22.55 -7.74
N LEU A 33 -9.93 21.32 -8.01
CA LEU A 33 -11.34 20.96 -7.93
C LEU A 33 -11.43 19.92 -6.83
N ILE A 34 -11.94 20.32 -5.68
CA ILE A 34 -12.04 19.44 -4.53
C ILE A 34 -13.44 18.91 -4.42
N GLU A 35 -13.57 17.59 -4.34
CA GLU A 35 -14.86 16.94 -4.13
C GLU A 35 -14.93 16.32 -2.78
N TRP A 36 -16.13 16.19 -2.26
CA TRP A 36 -16.37 15.46 -1.04
C TRP A 36 -17.31 14.32 -1.35
N ILE A 37 -16.98 13.16 -0.81
CA ILE A 37 -17.71 11.93 -1.09
C ILE A 37 -17.77 11.14 0.22
N ARG A 38 -18.97 10.72 0.61
CA ARG A 38 -19.05 9.89 1.81
C ARG A 38 -19.38 8.43 1.47
N GLN A 39 -19.03 7.56 2.41
CA GLN A 39 -19.23 6.14 2.23
C GLN A 39 -19.75 5.52 3.50
N MET A 40 -20.95 4.98 3.36
CA MET A 40 -21.71 4.40 4.42
C MET A 40 -21.19 2.98 4.68
N PRO A 41 -21.49 2.42 5.87
CA PRO A 41 -21.17 1.05 6.29
C PRO A 41 -21.02 0.02 5.15
N GLY A 42 -19.76 -0.28 4.77
CA GLY A 42 -19.44 -1.20 3.66
C GLY A 42 -20.41 -1.08 2.48
N GLN A 43 -20.66 0.17 2.09
CA GLN A 43 -21.75 0.49 1.20
C GLN A 43 -21.25 1.36 0.04
N GLY A 44 -22.20 2.04 -0.60
CA GLY A 44 -21.92 2.82 -1.78
C GLY A 44 -21.31 4.18 -1.50
N LEU A 45 -20.89 4.85 -2.58
CA LEU A 45 -20.28 6.15 -2.50
C LEU A 45 -21.38 7.16 -2.77
N GLU A 46 -21.48 8.15 -1.89
CA GLU A 46 -22.46 9.22 -2.04
C GLU A 46 -21.68 10.50 -2.29
N TRP A 47 -21.87 11.07 -3.47
CA TRP A 47 -21.21 12.32 -3.84
C TRP A 47 -21.94 13.52 -3.20
N ILE A 48 -21.17 14.34 -2.49
CA ILE A 48 -21.72 15.50 -1.78
C ILE A 48 -21.62 16.77 -2.61
N GLY A 49 -20.43 17.04 -3.16
CA GLY A 49 -20.26 18.24 -3.98
C GLY A 49 -18.85 18.53 -4.41
N LEU A 50 -18.68 19.64 -5.11
CA LEU A 50 -17.38 20.01 -5.65
C LEU A 50 -17.20 21.49 -5.42
N ILE A 51 -15.97 21.88 -5.14
CA ILE A 51 -15.65 23.29 -4.96
C ILE A 51 -14.33 23.63 -5.66
N ASN A 52 -14.32 24.80 -6.28
CA ASN A 52 -13.12 25.39 -6.84
C ASN A 52 -12.72 26.58 -5.96
N PRO A 53 -11.63 26.44 -5.16
CA PRO A 53 -11.31 27.51 -4.21
C PRO A 53 -10.98 28.86 -4.85
N GLY A 54 -10.56 28.85 -6.11
CA GLY A 54 -10.15 30.09 -6.79
C GLY A 54 -11.30 31.00 -7.24
N SER A 55 -12.55 30.51 -7.13
CA SER A 55 -13.73 31.28 -7.54
C SER A 55 -14.89 30.99 -6.58
N ASP A 56 -16.09 31.46 -6.94
CA ASP A 56 -17.29 31.12 -6.18
C ASP A 56 -17.88 29.77 -6.64
N TYR A 57 -17.22 29.09 -7.58
CA TYR A 57 -17.81 27.86 -8.14
C TYR A 57 -17.97 26.74 -7.10
N THR A 58 -19.22 26.30 -6.94
CA THR A 58 -19.53 25.11 -6.17
C THR A 58 -20.67 24.39 -6.88
N ASN A 59 -20.76 23.08 -6.70
CA ASN A 59 -21.94 22.33 -7.10
C ASN A 59 -22.24 21.30 -6.04
N TYR A 60 -23.50 21.22 -5.63
CA TYR A 60 -23.92 20.40 -4.50
C TYR A 60 -24.90 19.36 -4.97
N ASN A 61 -24.79 18.17 -4.39
CA ASN A 61 -25.86 17.18 -4.50
C ASN A 61 -27.10 17.76 -3.82
N GLU A 62 -28.16 17.96 -4.61
CA GLU A 62 -29.45 18.53 -4.12
C GLU A 62 -29.98 17.85 -2.86
N ASN A 63 -29.76 16.54 -2.75
CA ASN A 63 -30.20 15.77 -1.60
C ASN A 63 -29.57 16.21 -0.27
N PHE A 64 -28.42 16.88 -0.35
CA PHE A 64 -27.71 17.38 0.82
C PHE A 64 -27.61 18.91 0.90
N LYS A 65 -28.26 19.63 -0.02
CA LYS A 65 -28.20 21.09 0.00
C LYS A 65 -28.88 21.62 1.27
N GLY A 66 -28.22 22.51 1.98
CA GLY A 66 -28.80 23.02 3.24
C GLY A 66 -28.60 22.12 4.46
N GLN A 67 -27.96 20.97 4.27
CA GLN A 67 -27.20 20.35 5.35
C GLN A 67 -25.74 20.65 5.10
N ALA A 68 -25.30 20.48 3.86
CA ALA A 68 -23.88 20.59 3.50
C ALA A 68 -23.49 22.00 3.07
N THR A 69 -22.31 22.45 3.50
CA THR A 69 -21.74 23.71 3.04
C THR A 69 -20.24 23.44 2.76
N LEU A 70 -19.83 23.68 1.53
CA LEU A 70 -18.42 23.56 1.14
C LEU A 70 -17.79 24.94 1.13
N SER A 71 -16.59 25.04 1.69
CA SER A 71 -15.85 26.29 1.73
C SER A 71 -14.35 26.03 1.60
N ALA A 72 -13.58 27.06 1.34
CA ALA A 72 -12.14 26.91 1.22
C ALA A 72 -11.39 28.15 1.66
N ASP A 73 -10.27 27.92 2.33
CA ASP A 73 -9.41 29.00 2.79
C ASP A 73 -8.14 28.97 1.94
N LYS A 74 -8.04 29.92 1.02
CA LYS A 74 -6.91 30.02 0.09
C LYS A 74 -5.59 30.34 0.80
N SER A 75 -5.66 31.07 1.92
CA SER A 75 -4.45 31.45 2.64
C SER A 75 -3.80 30.26 3.35
N SER A 76 -4.60 29.25 3.69
CA SER A 76 -4.09 28.03 4.35
C SER A 76 -4.16 26.76 3.49
N SER A 77 -4.65 26.88 2.26
CA SER A 77 -4.85 25.72 1.38
C SER A 77 -5.69 24.62 2.05
N THR A 78 -6.76 25.04 2.72
CA THR A 78 -7.62 24.08 3.39
C THR A 78 -9.06 24.16 2.86
N ALA A 79 -9.61 23.01 2.49
CA ALA A 79 -11.04 22.93 2.18
C ALA A 79 -11.83 22.39 3.38
N TYR A 80 -13.10 22.77 3.48
CA TYR A 80 -13.91 22.39 4.64
C TYR A 80 -15.26 21.88 4.20
N LEU A 81 -15.79 20.91 4.94
CA LEU A 81 -17.18 20.50 4.82
C LEU A 81 -17.90 20.77 6.16
N GLN A 82 -18.97 21.56 6.11
CA GLN A 82 -19.85 21.73 7.25
C GLN A 82 -21.10 20.95 6.98
N TRP A 83 -21.63 20.32 8.03
CA TRP A 83 -22.86 19.55 7.92
C TRP A 83 -23.70 19.91 9.13
N SER A 84 -24.88 20.47 8.91
CA SER A 84 -25.79 20.85 9.98
C SER A 84 -26.90 19.82 10.18
N SER A 85 -27.56 19.88 11.34
CA SER A 85 -28.65 18.96 11.67
C SER A 85 -28.29 17.51 11.41
N LEU A 86 -27.22 17.03 12.03
CA LEU A 86 -26.73 15.68 11.78
C LEU A 86 -27.75 14.65 12.23
N LYS A 87 -27.87 13.59 11.44
CA LYS A 87 -28.73 12.48 11.77
C LYS A 87 -27.89 11.21 11.93
N ALA A 88 -28.45 10.20 12.60
CA ALA A 88 -27.76 8.91 12.76
C ALA A 88 -27.36 8.33 11.41
N SER A 89 -28.21 8.51 10.40
CA SER A 89 -27.96 8.03 9.04
C SER A 89 -26.86 8.80 8.31
N ASP A 90 -26.35 9.88 8.94
CA ASP A 90 -25.16 10.58 8.42
C ASP A 90 -23.84 9.93 8.88
N THR A 91 -23.94 8.87 9.67
CA THR A 91 -22.77 8.09 10.10
C THR A 91 -22.08 7.49 8.86
N ALA A 92 -20.82 7.85 8.65
CA ALA A 92 -20.12 7.50 7.42
C ALA A 92 -18.65 7.91 7.47
N MET A 93 -17.89 7.34 6.55
CA MET A 93 -16.56 7.82 6.25
C MET A 93 -16.69 8.95 5.23
N TYR A 94 -16.19 10.13 5.56
CA TYR A 94 -16.23 11.29 4.68
C TYR A 94 -14.86 11.51 4.03
N PHE A 95 -14.79 11.41 2.70
CA PHE A 95 -13.53 11.67 1.98
C PHE A 95 -13.54 13.03 1.27
N CYS A 96 -12.38 13.68 1.19
CA CYS A 96 -12.15 14.72 0.20
C CYS A 96 -11.27 14.11 -0.87
N ALA A 97 -11.40 14.60 -2.09
CA ALA A 97 -10.62 14.04 -3.19
C ALA A 97 -10.33 15.08 -4.25
N ARG A 98 -9.18 14.95 -4.90
CA ARG A 98 -8.91 15.78 -6.08
C ARG A 98 -8.80 14.80 -7.23
N ARG A 99 -9.76 14.83 -8.15
CA ARG A 99 -9.76 13.89 -9.28
C ARG A 99 -9.57 14.53 -10.63
N PHE A 100 -10.14 15.72 -10.80
CA PHE A 100 -10.18 16.37 -12.10
C PHE A 100 -9.58 17.75 -12.08
N GLY A 101 -9.24 18.24 -13.27
CA GLY A 101 -8.96 19.65 -13.50
C GLY A 101 -10.15 20.15 -14.31
N TYR A 102 -10.01 21.34 -14.90
CA TYR A 102 -11.02 21.89 -15.80
C TYR A 102 -11.24 20.96 -16.99
N TYR A 103 -12.48 20.90 -17.50
CA TYR A 103 -12.73 20.15 -18.72
C TYR A 103 -11.80 20.66 -19.79
N GLY A 104 -11.22 19.75 -20.57
CA GLY A 104 -10.28 20.14 -21.61
C GLY A 104 -8.82 20.17 -21.17
N SER A 105 -8.58 20.05 -19.87
CA SER A 105 -7.23 20.15 -19.31
C SER A 105 -6.39 18.88 -19.52
N GLY A 106 -7.05 17.76 -19.85
CA GLY A 106 -6.36 16.48 -19.93
C GLY A 106 -5.99 15.90 -18.57
N ASN A 107 -6.34 16.61 -17.48
CA ASN A 107 -5.94 16.22 -16.12
C ASN A 107 -6.81 15.18 -15.44
N TYR A 108 -6.17 14.06 -15.07
CA TYR A 108 -6.76 13.04 -14.23
C TYR A 108 -5.84 12.78 -13.07
N PHE A 109 -6.35 13.05 -11.87
CA PHE A 109 -5.63 12.90 -10.63
C PHE A 109 -6.34 11.82 -9.88
N ASP A 110 -5.67 11.23 -8.91
CA ASP A 110 -6.37 10.31 -8.04
C ASP A 110 -5.90 10.58 -6.62
N TYR A 111 -6.05 11.82 -6.16
CA TYR A 111 -5.70 12.17 -4.79
C TYR A 111 -6.90 12.03 -3.87
N TRP A 112 -6.77 11.18 -2.85
CA TRP A 112 -7.82 11.02 -1.84
C TRP A 112 -7.24 11.34 -0.46
N GLY A 113 -8.00 12.06 0.36
CA GLY A 113 -7.67 12.16 1.79
C GLY A 113 -7.78 10.78 2.42
N GLN A 114 -7.28 10.63 3.66
CA GLN A 114 -7.39 9.37 4.38
C GLN A 114 -8.82 9.12 4.91
N GLY A 115 -9.68 10.12 4.79
CA GLY A 115 -11.06 9.99 5.23
C GLY A 115 -11.26 10.43 6.67
N THR A 116 -12.43 11.01 6.95
CA THR A 116 -12.79 11.36 8.33
C THR A 116 -13.99 10.53 8.74
N MET A 117 -13.80 9.64 9.71
CA MET A 117 -14.91 8.82 10.19
C MET A 117 -15.83 9.64 11.08
N VAL A 118 -17.11 9.65 10.74
CA VAL A 118 -18.07 10.46 11.49
C VAL A 118 -19.14 9.52 12.02
N THR A 119 -19.33 9.54 13.35
CA THR A 119 -20.35 8.74 14.01
C THR A 119 -21.36 9.69 14.63
N VAL A 120 -22.63 9.50 14.27
CA VAL A 120 -23.69 10.30 14.87
C VAL A 120 -24.58 9.40 15.72
N SER A 121 -24.63 9.68 17.02
CA SER A 121 -25.37 8.84 17.97
C SER A 121 -25.62 9.59 19.27
N SER A 122 -26.74 9.25 19.92
CA SER A 122 -27.03 9.76 21.26
C SER A 122 -26.26 9.02 22.37
N ALA A 123 -25.49 8.01 22.00
CA ALA A 123 -24.74 7.22 23.00
C ALA A 123 -23.54 7.95 23.62
N SER A 124 -23.17 7.53 24.82
CA SER A 124 -22.01 8.08 25.52
C SER A 124 -20.86 7.07 25.51
N THR A 125 -19.64 7.59 25.50
CA THR A 125 -18.44 6.77 25.61
C THR A 125 -18.57 5.75 26.73
N LYS A 126 -18.20 4.51 26.42
CA LYS A 126 -18.23 3.40 27.36
C LYS A 126 -17.23 2.35 26.91
N GLY A 127 -16.41 1.88 27.85
CA GLY A 127 -15.49 0.77 27.58
C GLY A 127 -16.20 -0.57 27.51
N PRO A 128 -15.62 -1.54 26.76
CA PRO A 128 -16.27 -2.86 26.67
C PRO A 128 -16.14 -3.72 27.92
N SER A 129 -17.09 -4.63 28.09
CA SER A 129 -16.87 -5.80 28.93
C SER A 129 -16.30 -6.90 28.04
N VAL A 130 -15.44 -7.73 28.62
CA VAL A 130 -14.80 -8.78 27.85
C VAL A 130 -15.09 -10.13 28.50
N PHE A 131 -15.75 -11.02 27.75
CA PHE A 131 -16.09 -12.33 28.27
C PHE A 131 -15.43 -13.46 27.47
N PRO A 132 -14.98 -14.53 28.16
CA PRO A 132 -14.35 -15.63 27.44
C PRO A 132 -15.34 -16.48 26.63
N LEU A 133 -14.89 -16.92 25.46
CA LEU A 133 -15.59 -17.94 24.69
C LEU A 133 -14.76 -19.21 24.85
N ALA A 134 -15.09 -20.00 25.88
CA ALA A 134 -14.23 -21.10 26.30
C ALA A 134 -14.28 -22.29 25.33
N PRO A 135 -13.13 -22.95 25.09
CA PRO A 135 -13.10 -24.13 24.23
C PRO A 135 -13.68 -25.35 24.93
N SER A 136 -14.15 -26.32 24.15
CA SER A 136 -14.56 -27.64 24.67
C SER A 136 -14.72 -28.65 23.54
N SER A 137 -14.35 -29.91 23.81
CA SER A 137 -14.66 -31.01 22.89
C SER A 137 -15.39 -32.14 23.62
N GLY A 142 -7.57 -35.93 19.36
CA GLY A 142 -6.88 -34.65 19.31
C GLY A 142 -6.89 -34.08 17.90
N GLY A 143 -7.65 -33.00 17.71
CA GLY A 143 -7.69 -32.24 16.46
C GLY A 143 -7.47 -30.76 16.75
N THR A 144 -8.43 -29.92 16.33
CA THR A 144 -8.34 -28.48 16.58
C THR A 144 -9.57 -27.91 17.27
N ALA A 145 -9.33 -27.14 18.33
CA ALA A 145 -10.38 -26.49 19.11
C ALA A 145 -10.49 -25.01 18.82
N ALA A 146 -11.71 -24.48 18.92
CA ALA A 146 -11.92 -23.03 18.77
C ALA A 146 -12.18 -22.38 20.13
N LEU A 147 -11.68 -21.16 20.29
CA LEU A 147 -11.93 -20.35 21.48
C LEU A 147 -11.93 -18.87 21.11
N GLY A 148 -12.30 -18.01 22.06
CA GLY A 148 -12.37 -16.60 21.75
C GLY A 148 -12.73 -15.70 22.90
N CYS A 149 -13.01 -14.45 22.56
CA CYS A 149 -13.47 -13.43 23.48
C CYS A 149 -14.62 -12.64 22.88
N LEU A 150 -15.66 -12.46 23.67
CA LEU A 150 -16.78 -11.62 23.28
C LEU A 150 -16.49 -10.25 23.88
N VAL A 151 -16.50 -9.24 23.03
CA VAL A 151 -16.18 -7.87 23.44
C VAL A 151 -17.47 -7.10 23.31
N LYS A 152 -18.10 -6.85 24.45
CA LYS A 152 -19.49 -6.41 24.41
C LYS A 152 -19.69 -5.03 25.00
N ASP A 153 -20.58 -4.27 24.38
CA ASP A 153 -21.17 -3.06 24.94
C ASP A 153 -20.15 -1.95 25.09
N TYR A 154 -19.60 -1.52 23.96
CA TYR A 154 -18.73 -0.36 23.93
C TYR A 154 -19.21 0.68 22.91
N PHE A 155 -18.74 1.91 23.11
CA PHE A 155 -18.99 3.04 22.21
C PHE A 155 -17.91 4.10 22.45
N PRO A 156 -17.39 4.72 21.36
CA PRO A 156 -17.65 4.42 19.95
C PRO A 156 -16.71 3.35 19.39
N GLU A 157 -16.85 3.05 18.11
CA GLU A 157 -15.83 2.29 17.40
C GLU A 157 -14.51 3.07 17.40
N PRO A 158 -13.35 2.40 17.34
CA PRO A 158 -13.09 0.96 17.27
C PRO A 158 -12.53 0.38 18.56
N VAL A 159 -12.46 -0.96 18.60
CA VAL A 159 -11.60 -1.66 19.55
C VAL A 159 -10.56 -2.45 18.77
N THR A 160 -9.43 -2.73 19.42
CA THR A 160 -8.45 -3.61 18.82
C THR A 160 -8.37 -4.85 19.67
N VAL A 161 -8.14 -5.98 19.02
CA VAL A 161 -7.98 -7.24 19.72
C VAL A 161 -6.76 -7.94 19.20
N SER A 162 -5.89 -8.34 20.11
CA SER A 162 -4.77 -9.18 19.76
C SER A 162 -4.84 -10.42 20.63
N TRP A 163 -4.06 -11.43 20.28
CA TRP A 163 -3.93 -12.63 21.13
C TRP A 163 -2.50 -12.75 21.63
N ASN A 164 -2.39 -13.10 22.91
CA ASN A 164 -1.10 -13.24 23.59
C ASN A 164 -0.13 -12.11 23.26
N SER A 165 -0.62 -10.87 23.39
CA SER A 165 0.14 -9.66 23.07
C SER A 165 0.71 -9.66 21.63
N GLY A 166 -0.13 -10.05 20.67
CA GLY A 166 0.28 -10.10 19.26
C GLY A 166 1.19 -11.27 18.86
N ALA A 167 1.49 -12.16 19.80
CA ALA A 167 2.36 -13.32 19.53
C ALA A 167 1.64 -14.39 18.71
N LEU A 168 0.30 -14.41 18.80
CA LEU A 168 -0.55 -15.34 18.05
C LEU A 168 -1.44 -14.58 17.05
N THR A 169 -1.16 -14.76 15.76
CA THR A 169 -1.98 -14.18 14.68
C THR A 169 -2.61 -15.26 13.80
N SER A 170 -1.92 -16.40 13.66
CA SER A 170 -2.39 -17.47 12.79
C SER A 170 -3.69 -18.10 13.28
N GLY A 171 -4.69 -18.20 12.40
CA GLY A 171 -5.97 -18.83 12.74
C GLY A 171 -6.91 -17.97 13.56
N VAL A 172 -6.57 -16.69 13.71
CA VAL A 172 -7.42 -15.72 14.41
C VAL A 172 -8.42 -15.09 13.46
N HIS A 173 -9.67 -14.93 13.90
CA HIS A 173 -10.67 -14.19 13.13
C HIS A 173 -11.31 -13.17 14.03
N THR A 174 -11.16 -11.89 13.69
CA THR A 174 -11.78 -10.84 14.48
C THR A 174 -12.87 -10.22 13.63
N PHE A 175 -14.11 -10.44 14.06
CA PHE A 175 -15.27 -10.09 13.28
C PHE A 175 -15.54 -8.59 13.33
N PRO A 176 -16.16 -8.04 12.27
CA PRO A 176 -16.67 -6.67 12.33
C PRO A 176 -17.63 -6.51 13.50
N ALA A 177 -17.60 -5.35 14.14
CA ALA A 177 -18.56 -5.00 15.20
C ALA A 177 -19.96 -4.90 14.64
N VAL A 178 -20.97 -5.21 15.46
CA VAL A 178 -22.37 -4.95 15.11
C VAL A 178 -22.91 -3.91 16.09
N LEU A 179 -23.76 -3.02 15.61
CA LEU A 179 -24.38 -2.03 16.49
C LEU A 179 -25.68 -2.61 17.07
N GLN A 180 -25.75 -2.72 18.39
CA GLN A 180 -26.95 -3.27 19.04
C GLN A 180 -28.05 -2.21 19.18
N SER A 181 -29.26 -2.65 19.52
CA SER A 181 -30.40 -1.72 19.68
C SER A 181 -30.20 -0.74 20.85
N SER A 182 -29.30 -1.10 21.78
CA SER A 182 -28.89 -0.21 22.87
C SER A 182 -28.02 0.98 22.39
N GLY A 183 -27.55 0.92 21.15
CA GLY A 183 -26.66 1.95 20.62
C GLY A 183 -25.19 1.65 20.93
N LEU A 184 -24.95 0.51 21.55
CA LEU A 184 -23.58 0.07 21.84
C LEU A 184 -23.13 -1.03 20.87
N TYR A 185 -21.83 -1.07 20.60
CA TYR A 185 -21.28 -2.09 19.70
C TYR A 185 -20.91 -3.38 20.41
N SER A 186 -20.82 -4.44 19.62
CA SER A 186 -20.36 -5.73 20.11
C SER A 186 -19.58 -6.47 19.02
N LEU A 187 -18.50 -7.17 19.40
CA LEU A 187 -17.80 -8.05 18.46
C LEU A 187 -17.20 -9.27 19.15
N SER A 188 -16.96 -10.33 18.37
CA SER A 188 -16.23 -11.48 18.88
C SER A 188 -14.89 -11.62 18.14
N SER A 189 -13.91 -12.17 18.83
CA SER A 189 -12.65 -12.55 18.22
C SER A 189 -12.38 -13.99 18.59
N VAL A 190 -12.10 -14.79 17.58
CA VAL A 190 -11.94 -16.23 17.78
C VAL A 190 -10.60 -16.69 17.20
N VAL A 191 -10.12 -17.82 17.70
CA VAL A 191 -8.93 -18.46 17.17
C VAL A 191 -9.12 -19.98 17.24
N THR A 192 -8.60 -20.68 16.24
CA THR A 192 -8.54 -22.13 16.30
C THR A 192 -7.10 -22.59 16.58
N VAL A 193 -6.97 -23.46 17.57
CA VAL A 193 -5.68 -23.93 18.06
C VAL A 193 -5.67 -25.46 18.14
N PRO A 194 -4.49 -26.09 18.28
CA PRO A 194 -4.53 -27.54 18.47
C PRO A 194 -5.24 -27.93 19.77
N SER A 195 -6.01 -29.02 19.73
CA SER A 195 -6.70 -29.53 20.92
C SER A 195 -5.69 -29.89 22.02
N SER A 196 -4.61 -30.57 21.62
CA SER A 196 -3.57 -31.05 22.54
C SER A 196 -2.87 -29.93 23.33
N SER A 197 -2.84 -28.72 22.77
CA SER A 197 -2.21 -27.58 23.44
C SER A 197 -3.02 -27.04 24.62
N LEU A 198 -4.34 -27.19 24.57
CA LEU A 198 -5.28 -26.60 25.54
C LEU A 198 -4.92 -26.76 27.02
N GLY A 199 -4.28 -27.87 27.38
CA GLY A 199 -3.91 -28.12 28.76
C GLY A 199 -2.70 -27.31 29.21
N THR A 200 -1.91 -26.87 28.24
CA THR A 200 -0.56 -26.36 28.47
C THR A 200 -0.35 -24.89 28.09
N GLN A 201 -0.82 -24.52 26.90
CA GLN A 201 -0.63 -23.16 26.39
C GLN A 201 -1.68 -22.20 26.93
N THR A 202 -1.24 -21.02 27.38
CA THR A 202 -2.11 -19.95 27.82
C THR A 202 -2.65 -19.14 26.64
N TYR A 203 -3.94 -18.82 26.66
CA TYR A 203 -4.52 -17.92 25.67
C TYR A 203 -5.20 -16.73 26.33
N ILE A 204 -4.70 -15.55 26.00
CA ILE A 204 -5.23 -14.31 26.53
C ILE A 204 -5.54 -13.41 25.36
N CYS A 205 -6.77 -12.89 25.31
CA CYS A 205 -7.11 -11.87 24.35
C CYS A 205 -6.87 -10.53 25.00
N ASN A 206 -6.29 -9.61 24.24
CA ASN A 206 -5.95 -8.27 24.74
C ASN A 206 -6.82 -7.24 24.03
N VAL A 207 -7.67 -6.56 24.78
CA VAL A 207 -8.65 -5.65 24.19
C VAL A 207 -8.29 -4.20 24.55
N ASN A 208 -8.11 -3.36 23.53
CA ASN A 208 -7.88 -1.93 23.74
C ASN A 208 -9.02 -1.12 23.14
N HIS A 209 -9.62 -0.27 23.97
CA HIS A 209 -10.61 0.69 23.52
C HIS A 209 -10.10 2.08 23.84
N LYS A 210 -9.40 2.68 22.88
CA LYS A 210 -8.81 4.02 23.06
C LYS A 210 -9.79 5.11 23.52
N PRO A 211 -10.99 5.23 22.88
CA PRO A 211 -11.88 6.32 23.27
C PRO A 211 -12.28 6.35 24.75
N SER A 212 -12.14 5.23 25.46
CA SER A 212 -12.46 5.18 26.88
C SER A 212 -11.24 4.93 27.78
N ASN A 213 -10.04 4.94 27.21
CA ASN A 213 -8.81 4.52 27.90
C ASN A 213 -8.97 3.16 28.59
N THR A 214 -9.54 2.20 27.86
CA THR A 214 -9.79 0.87 28.39
C THR A 214 -8.80 -0.15 27.82
N LYS A 215 -8.11 -0.86 28.71
CA LYS A 215 -7.24 -1.96 28.34
C LYS A 215 -7.62 -3.16 29.20
N VAL A 216 -7.97 -4.26 28.53
CA VAL A 216 -8.42 -5.47 29.20
C VAL A 216 -7.68 -6.65 28.62
N ASP A 217 -7.13 -7.48 29.50
CA ASP A 217 -6.60 -8.77 29.12
C ASP A 217 -7.50 -9.84 29.74
N LYS A 218 -8.03 -10.74 28.91
CA LYS A 218 -8.90 -11.80 29.42
C LYS A 218 -8.31 -13.18 29.09
N ARG A 219 -7.93 -13.91 30.13
CA ARG A 219 -7.43 -15.27 29.95
C ARG A 219 -8.56 -16.23 29.59
N VAL A 220 -8.42 -16.95 28.49
CA VAL A 220 -9.43 -17.89 28.03
C VAL A 220 -8.98 -19.33 28.29
N GLU A 221 -9.66 -19.98 29.23
CA GLU A 221 -9.31 -21.34 29.61
C GLU A 221 -10.53 -22.26 29.62
N PRO A 222 -10.31 -23.55 29.31
CA PRO A 222 -11.42 -24.51 29.27
C PRO A 222 -12.22 -24.57 30.56
N LYS A 223 -13.51 -24.91 30.44
CA LYS A 223 -14.43 -25.17 31.56
C LYS A 223 -14.90 -23.89 32.26
N ASP B 1 -31.11 12.91 -11.41
CA ASP B 1 -29.66 12.60 -11.44
C ASP B 1 -29.40 11.38 -12.35
N VAL B 2 -28.18 11.23 -12.84
CA VAL B 2 -27.86 10.13 -13.75
C VAL B 2 -27.62 8.87 -12.92
N VAL B 3 -28.59 7.95 -12.90
CA VAL B 3 -28.42 6.73 -12.12
C VAL B 3 -27.49 5.78 -12.86
N MET B 4 -26.54 5.22 -12.14
CA MET B 4 -25.59 4.26 -12.69
C MET B 4 -25.90 2.87 -12.11
N THR B 5 -26.12 1.88 -12.98
CA THR B 5 -26.49 0.52 -12.56
C THR B 5 -25.39 -0.48 -12.95
N GLN B 6 -24.80 -1.13 -11.95
CA GLN B 6 -23.74 -2.12 -12.18
C GLN B 6 -24.24 -3.55 -12.06
N THR B 7 -23.78 -4.43 -12.96
CA THR B 7 -24.02 -5.86 -12.84
C THR B 7 -22.74 -6.63 -13.21
N PRO B 8 -22.54 -7.81 -12.61
CA PRO B 8 -23.36 -8.39 -11.54
C PRO B 8 -23.02 -7.72 -10.21
N LEU B 9 -23.76 -8.03 -9.14
CA LEU B 9 -23.41 -7.47 -7.82
C LEU B 9 -22.18 -8.14 -7.26
N SER B 10 -22.02 -9.43 -7.56
CA SER B 10 -20.89 -10.24 -7.09
C SER B 10 -20.30 -11.06 -8.25
N LEU B 11 -18.97 -11.12 -8.33
CA LEU B 11 -18.30 -11.95 -9.36
C LEU B 11 -17.14 -12.74 -8.77
N PRO B 12 -17.42 -14.01 -8.38
CA PRO B 12 -16.35 -14.95 -8.08
C PRO B 12 -15.53 -15.25 -9.33
N VAL B 13 -14.22 -15.17 -9.20
CA VAL B 13 -13.32 -15.36 -10.32
C VAL B 13 -12.19 -16.31 -9.93
N THR B 14 -11.76 -17.13 -10.89
CA THR B 14 -10.63 -18.03 -10.74
C THR B 14 -9.42 -17.38 -11.43
N PRO B 15 -8.29 -17.20 -10.71
CA PRO B 15 -7.12 -16.58 -11.32
C PRO B 15 -6.68 -17.21 -12.66
N GLY B 16 -6.46 -16.37 -13.66
CA GLY B 16 -6.09 -16.80 -15.00
C GLY B 16 -7.21 -16.67 -16.02
N GLU B 17 -8.46 -16.71 -15.55
CA GLU B 17 -9.61 -16.59 -16.46
C GLU B 17 -9.95 -15.11 -16.71
N PRO B 18 -10.62 -14.81 -17.84
CA PRO B 18 -11.13 -13.45 -18.04
C PRO B 18 -12.32 -13.10 -17.16
N ALA B 19 -12.53 -11.81 -16.97
CA ALA B 19 -13.70 -11.29 -16.23
C ALA B 19 -14.21 -10.04 -16.93
N SER B 20 -15.50 -9.76 -16.72
CA SER B 20 -16.16 -8.65 -17.37
C SER B 20 -17.25 -8.14 -16.44
N ILE B 21 -17.37 -6.82 -16.35
CA ILE B 21 -18.30 -6.15 -15.46
C ILE B 21 -19.01 -5.04 -16.23
N SER B 22 -20.28 -4.83 -15.92
CA SER B 22 -21.12 -3.93 -16.70
C SER B 22 -21.61 -2.73 -15.90
N CYS B 23 -21.71 -1.58 -16.57
CA CYS B 23 -22.25 -0.33 -16.00
C CYS B 23 -23.19 0.28 -17.04
N THR B 24 -24.44 0.56 -16.64
CA THR B 24 -25.42 1.24 -17.48
C THR B 24 -25.85 2.55 -16.82
N SER B 25 -25.81 3.65 -17.57
CA SER B 25 -26.29 4.94 -17.07
C SER B 25 -27.68 5.25 -17.58
N GLY B 26 -28.45 5.94 -16.75
CA GLY B 26 -29.84 6.27 -17.07
C GLY B 26 -29.92 7.36 -18.12
N GLN B 27 -28.80 8.00 -18.43
CA GLN B 27 -28.75 8.86 -19.61
C GLN B 27 -27.36 8.89 -20.24
N SER B 28 -27.29 9.30 -21.49
CA SER B 28 -26.01 9.34 -22.19
C SER B 28 -24.95 10.10 -21.39
N LEU B 29 -23.76 9.54 -21.36
CA LEU B 29 -22.62 10.20 -20.71
C LEU B 29 -21.75 10.98 -21.70
N VAL B 30 -22.24 11.17 -22.93
CA VAL B 30 -21.54 11.99 -23.91
C VAL B 30 -21.79 13.44 -23.56
N HIS B 31 -20.71 14.13 -23.22
CA HIS B 31 -20.69 15.55 -22.89
C HIS B 31 -20.87 16.40 -24.16
N ILE B 32 -21.36 17.62 -24.00
CA ILE B 32 -21.48 18.55 -25.12
C ILE B 32 -20.12 18.79 -25.82
N ASN B 33 -19.03 18.66 -25.06
CA ASN B 33 -17.69 18.84 -25.63
C ASN B 33 -17.17 17.66 -26.47
N GLY B 34 -17.98 16.59 -26.58
CA GLY B 34 -17.65 15.40 -27.36
C GLY B 34 -17.03 14.23 -26.59
N ASN B 35 -16.55 14.47 -25.38
CA ASN B 35 -15.94 13.41 -24.55
C ASN B 35 -16.96 12.63 -23.73
N THR B 36 -16.58 11.43 -23.29
CA THR B 36 -17.48 10.63 -22.46
C THR B 36 -16.78 10.40 -21.12
N TYR B 37 -17.25 11.04 -20.05
CA TYR B 37 -16.50 11.01 -18.78
C TYR B 37 -17.01 9.88 -17.89
N LEU B 38 -16.71 8.66 -18.31
CA LEU B 38 -17.06 7.45 -17.56
C LEU B 38 -15.75 6.82 -17.11
N HIS B 39 -15.62 6.60 -15.80
CA HIS B 39 -14.40 6.06 -15.21
C HIS B 39 -14.70 4.83 -14.36
N TRP B 40 -13.67 4.03 -14.10
CA TRP B 40 -13.76 2.82 -13.29
C TRP B 40 -12.75 2.88 -12.14
N TYR B 41 -13.21 2.54 -10.94
CA TYR B 41 -12.37 2.61 -9.73
C TYR B 41 -12.37 1.21 -9.11
N LEU B 42 -11.31 0.89 -8.41
CA LEU B 42 -11.27 -0.32 -7.59
C LEU B 42 -11.02 0.06 -6.14
N GLN B 43 -11.87 -0.41 -5.24
CA GLN B 43 -11.66 -0.16 -3.81
C GLN B 43 -11.43 -1.44 -2.99
N LYS B 44 -10.38 -1.43 -2.19
CA LYS B 44 -10.10 -2.53 -1.28
C LYS B 44 -10.62 -2.21 0.13
N PRO B 45 -10.94 -3.25 0.93
CA PRO B 45 -11.55 -2.94 2.23
C PRO B 45 -10.65 -2.06 3.10
N GLY B 46 -11.26 -1.07 3.77
CA GLY B 46 -10.53 -0.13 4.64
C GLY B 46 -9.74 0.97 3.92
N GLN B 47 -9.78 0.97 2.58
CA GLN B 47 -9.01 1.95 1.79
C GLN B 47 -9.93 2.85 0.96
N SER B 48 -9.41 3.96 0.45
CA SER B 48 -10.16 4.79 -0.52
C SER B 48 -10.15 4.12 -1.90
N PRO B 49 -11.11 4.47 -2.79
CA PRO B 49 -11.10 3.92 -4.14
C PRO B 49 -9.85 4.38 -4.91
N LYS B 50 -9.41 3.57 -5.86
CA LYS B 50 -8.28 3.94 -6.73
C LYS B 50 -8.70 3.87 -8.19
N LEU B 51 -8.29 4.88 -8.96
CA LEU B 51 -8.71 5.02 -10.35
C LEU B 51 -8.01 4.00 -11.25
N LEU B 52 -8.80 3.28 -12.04
CA LEU B 52 -8.21 2.33 -12.98
C LEU B 52 -8.27 2.84 -14.40
N ILE B 53 -9.45 3.32 -14.79
CA ILE B 53 -9.70 3.68 -16.18
C ILE B 53 -10.47 4.98 -16.20
N TYR B 54 -10.00 5.93 -17.01
CA TYR B 54 -10.71 7.19 -17.20
C TYR B 54 -11.22 7.37 -18.63
N LYS B 55 -12.32 8.09 -18.77
CA LYS B 55 -12.95 8.35 -20.09
C LYS B 55 -13.08 7.06 -20.89
N VAL B 56 -13.80 6.10 -20.30
CA VAL B 56 -14.20 4.84 -20.93
C VAL B 56 -13.08 3.82 -21.08
N SER B 57 -11.93 4.24 -21.61
CA SER B 57 -10.93 3.28 -22.14
C SER B 57 -9.44 3.63 -21.88
N ASN B 58 -9.18 4.76 -21.24
CA ASN B 58 -7.81 5.17 -20.98
C ASN B 58 -7.30 4.62 -19.66
N LEU B 59 -6.15 3.95 -19.69
CA LEU B 59 -5.61 3.35 -18.48
C LEU B 59 -4.94 4.42 -17.64
N PHE B 60 -5.24 4.45 -16.35
CA PHE B 60 -4.57 5.40 -15.48
C PHE B 60 -3.15 4.93 -15.26
N SER B 61 -2.23 5.88 -15.04
CA SER B 61 -0.82 5.53 -14.94
C SER B 61 -0.56 4.50 -13.83
N GLY B 62 0.20 3.47 -14.17
CA GLY B 62 0.48 2.37 -13.26
C GLY B 62 -0.47 1.17 -13.37
N VAL B 63 -1.61 1.35 -14.05
CA VAL B 63 -2.60 0.27 -14.15
C VAL B 63 -2.15 -0.72 -15.24
N PRO B 64 -2.07 -2.02 -14.93
CA PRO B 64 -1.59 -2.97 -15.97
C PRO B 64 -2.58 -3.16 -17.14
N ASP B 65 -2.02 -3.43 -18.33
CA ASP B 65 -2.82 -3.57 -19.56
C ASP B 65 -3.67 -4.85 -19.66
N ARG B 66 -3.70 -5.66 -18.60
CA ARG B 66 -4.76 -6.66 -18.51
C ARG B 66 -6.14 -6.06 -18.26
N PHE B 67 -6.19 -4.81 -17.79
CA PHE B 67 -7.46 -4.06 -17.70
C PHE B 67 -7.74 -3.35 -19.00
N SER B 68 -9.02 -3.35 -19.41
CA SER B 68 -9.49 -2.53 -20.52
C SER B 68 -10.93 -2.08 -20.25
N GLY B 69 -11.33 -1.02 -20.92
CA GLY B 69 -12.68 -0.49 -20.79
C GLY B 69 -13.23 -0.24 -22.17
N SER B 70 -14.54 -0.42 -22.32
CA SER B 70 -15.19 -0.17 -23.59
C SER B 70 -16.61 0.29 -23.38
N GLY B 71 -17.26 0.63 -24.49
CA GLY B 71 -18.68 0.96 -24.44
C GLY B 71 -18.92 2.37 -24.95
N SER B 72 -20.18 2.79 -24.96
CA SER B 72 -20.50 4.14 -25.40
C SER B 72 -21.94 4.52 -25.07
N GLY B 73 -22.14 5.82 -24.87
CA GLY B 73 -23.47 6.40 -24.63
C GLY B 73 -23.92 6.08 -23.22
N THR B 74 -24.59 4.93 -23.08
CA THR B 74 -25.18 4.54 -21.81
C THR B 74 -24.69 3.15 -21.31
N ASP B 75 -23.94 2.42 -22.14
CA ASP B 75 -23.57 1.02 -21.84
C ASP B 75 -22.06 0.87 -21.85
N PHE B 76 -21.49 0.43 -20.71
CA PHE B 76 -20.02 0.42 -20.52
C PHE B 76 -19.58 -0.88 -19.88
N THR B 77 -18.36 -1.31 -20.23
CA THR B 77 -17.83 -2.59 -19.77
C THR B 77 -16.37 -2.47 -19.35
N LEU B 78 -16.05 -2.96 -18.15
CA LEU B 78 -14.67 -3.15 -17.75
C LEU B 78 -14.30 -4.62 -17.91
N LYS B 79 -13.14 -4.88 -18.47
CA LYS B 79 -12.69 -6.24 -18.65
C LYS B 79 -11.27 -6.48 -18.15
N ILE B 80 -11.04 -7.70 -17.66
CA ILE B 80 -9.72 -8.15 -17.24
C ILE B 80 -9.37 -9.37 -18.08
N SER B 81 -8.28 -9.29 -18.83
CA SER B 81 -7.91 -10.37 -19.78
C SER B 81 -7.68 -11.69 -19.05
N ARG B 82 -6.87 -11.64 -17.99
CA ARG B 82 -6.62 -12.80 -17.14
C ARG B 82 -6.54 -12.29 -15.70
N VAL B 83 -7.44 -12.77 -14.86
CA VAL B 83 -7.52 -12.29 -13.49
C VAL B 83 -6.31 -12.71 -12.66
N GLU B 84 -5.92 -11.81 -11.76
CA GLU B 84 -4.88 -12.15 -10.77
C GLU B 84 -5.43 -11.90 -9.38
N ALA B 85 -4.80 -12.53 -8.39
CA ALA B 85 -5.25 -12.45 -6.99
C ALA B 85 -5.45 -11.00 -6.50
N GLU B 86 -4.56 -10.11 -6.96
CA GLU B 86 -4.57 -8.69 -6.59
C GLU B 86 -5.78 -7.92 -7.11
N ASP B 87 -6.55 -8.53 -8.01
CA ASP B 87 -7.65 -7.82 -8.67
C ASP B 87 -8.94 -7.79 -7.83
N VAL B 88 -8.90 -8.45 -6.67
CA VAL B 88 -10.05 -8.57 -5.77
C VAL B 88 -10.46 -7.22 -5.17
N GLY B 89 -11.77 -7.04 -4.91
CA GLY B 89 -12.30 -5.87 -4.23
C GLY B 89 -13.54 -5.35 -4.91
N VAL B 90 -13.93 -4.12 -4.61
CA VAL B 90 -15.19 -3.56 -5.14
C VAL B 90 -14.90 -2.57 -6.27
N TYR B 91 -15.46 -2.86 -7.44
CA TYR B 91 -15.31 -2.02 -8.62
C TYR B 91 -16.48 -1.06 -8.67
N PHE B 92 -16.18 0.23 -8.85
CA PHE B 92 -17.21 1.24 -9.04
C PHE B 92 -17.04 1.94 -10.38
N CYS B 93 -18.15 2.12 -11.09
CA CYS B 93 -18.17 3.03 -12.23
C CYS B 93 -18.51 4.41 -11.71
N SER B 94 -18.04 5.42 -12.42
CA SER B 94 -18.09 6.82 -11.98
C SER B 94 -18.36 7.68 -13.18
N GLN B 95 -19.31 8.62 -13.10
CA GLN B 95 -19.46 9.59 -14.19
C GLN B 95 -19.19 11.05 -13.76
N SER B 96 -18.49 11.81 -14.61
CA SER B 96 -18.27 13.22 -14.35
C SER B 96 -18.66 14.06 -15.56
N THR B 97 -19.64 13.57 -16.32
CA THR B 97 -20.21 14.33 -17.43
C THR B 97 -21.27 15.31 -16.97
N HIS B 98 -22.12 14.86 -16.04
CA HIS B 98 -23.26 15.63 -15.57
C HIS B 98 -23.20 15.84 -14.05
N PHE B 99 -23.36 17.06 -13.58
CA PHE B 99 -23.64 17.30 -12.15
C PHE B 99 -25.08 16.92 -11.82
N PRO B 100 -25.33 16.35 -10.63
CA PRO B 100 -24.35 15.92 -9.63
C PRO B 100 -23.60 14.69 -10.11
N PHE B 101 -22.29 14.64 -9.85
CA PHE B 101 -21.51 13.48 -10.25
C PHE B 101 -22.07 12.29 -9.48
N THR B 102 -22.04 11.12 -10.12
CA THR B 102 -22.66 9.93 -9.51
C THR B 102 -21.79 8.70 -9.65
N PHE B 103 -22.14 7.65 -8.89
CA PHE B 103 -21.41 6.39 -8.90
C PHE B 103 -22.38 5.22 -8.99
N GLY B 104 -21.95 4.13 -9.62
CA GLY B 104 -22.65 2.85 -9.53
C GLY B 104 -22.56 2.28 -8.12
N GLN B 105 -23.38 1.27 -7.84
CA GLN B 105 -23.43 0.71 -6.49
C GLN B 105 -22.33 -0.32 -6.19
N GLY B 106 -21.50 -0.65 -7.18
CA GLY B 106 -20.35 -1.50 -6.93
C GLY B 106 -20.54 -2.94 -7.36
N THR B 107 -19.47 -3.55 -7.85
CA THR B 107 -19.45 -4.99 -8.17
C THR B 107 -18.30 -5.61 -7.39
N LYS B 108 -18.57 -6.65 -6.59
CA LYS B 108 -17.52 -7.22 -5.75
C LYS B 108 -16.89 -8.44 -6.42
N LEU B 109 -15.60 -8.33 -6.70
CA LEU B 109 -14.83 -9.42 -7.26
C LEU B 109 -14.17 -10.18 -6.09
N GLU B 110 -14.38 -11.50 -6.03
CA GLU B 110 -13.82 -12.35 -4.96
C GLU B 110 -13.23 -13.59 -5.61
N ILE B 111 -12.38 -14.31 -4.88
CA ILE B 111 -11.72 -15.49 -5.41
C ILE B 111 -12.68 -16.68 -5.37
N LYS B 112 -12.86 -17.35 -6.50
CA LYS B 112 -13.62 -18.59 -6.52
C LYS B 112 -12.69 -19.75 -6.16
N ARG B 113 -13.09 -20.55 -5.17
CA ARG B 113 -12.34 -21.76 -4.81
C ARG B 113 -13.33 -22.92 -4.70
N THR B 114 -12.82 -24.14 -4.46
CA THR B 114 -13.69 -25.31 -4.23
C THR B 114 -14.56 -25.09 -3.00
N VAL B 115 -15.70 -25.77 -2.98
CA VAL B 115 -16.65 -25.70 -1.87
C VAL B 115 -15.98 -26.23 -0.60
N ALA B 116 -16.09 -25.50 0.49
CA ALA B 116 -15.59 -25.93 1.78
C ALA B 116 -16.66 -25.76 2.84
N ALA B 117 -16.99 -26.86 3.52
CA ALA B 117 -17.99 -26.84 4.59
C ALA B 117 -17.45 -26.10 5.81
N PRO B 118 -18.30 -25.33 6.51
CA PRO B 118 -17.87 -24.72 7.77
C PRO B 118 -17.61 -25.74 8.88
N SER B 119 -16.64 -25.44 9.72
CA SER B 119 -16.49 -26.08 11.01
C SER B 119 -17.35 -25.28 11.98
N VAL B 120 -18.29 -25.93 12.65
CA VAL B 120 -19.23 -25.23 13.52
C VAL B 120 -18.90 -25.38 15.01
N PHE B 121 -18.97 -24.28 15.75
CA PHE B 121 -18.74 -24.32 17.20
C PHE B 121 -19.80 -23.51 17.91
N ILE B 122 -20.26 -24.02 19.06
CA ILE B 122 -21.18 -23.27 19.90
C ILE B 122 -20.49 -22.94 21.24
N PHE B 123 -20.78 -21.74 21.75
CA PHE B 123 -20.25 -21.30 23.04
C PHE B 123 -21.39 -20.85 23.94
N PRO B 124 -21.54 -21.50 25.10
CA PRO B 124 -22.53 -21.03 26.07
C PRO B 124 -22.09 -19.66 26.59
N PRO B 125 -23.01 -18.89 27.17
CA PRO B 125 -22.60 -17.68 27.89
C PRO B 125 -21.69 -18.02 29.07
N SER B 126 -20.76 -17.12 29.37
CA SER B 126 -19.87 -17.28 30.51
C SER B 126 -20.59 -17.00 31.84
N ASP B 127 -20.11 -17.63 32.91
CA ASP B 127 -20.58 -17.32 34.26
C ASP B 127 -20.46 -15.83 34.54
N GLU B 128 -19.34 -15.23 34.10
CA GLU B 128 -19.06 -13.81 34.27
C GLU B 128 -20.17 -12.93 33.71
N GLN B 129 -20.56 -13.20 32.46
CA GLN B 129 -21.61 -12.45 31.81
C GLN B 129 -22.94 -12.65 32.53
N LEU B 130 -23.25 -13.88 32.89
CA LEU B 130 -24.55 -14.18 33.50
C LEU B 130 -24.81 -13.33 34.74
N LYS B 131 -23.76 -13.11 35.53
CA LYS B 131 -23.83 -12.29 36.73
C LYS B 131 -24.27 -10.84 36.49
N SER B 132 -23.97 -10.32 35.29
CA SER B 132 -24.34 -8.94 34.92
C SER B 132 -25.76 -8.80 34.36
N GLY B 133 -26.47 -9.92 34.21
CA GLY B 133 -27.89 -9.91 33.87
C GLY B 133 -28.24 -10.19 32.42
N THR B 134 -27.27 -10.62 31.63
CA THR B 134 -27.55 -10.90 30.22
C THR B 134 -26.77 -12.11 29.72
N ALA B 135 -27.32 -12.81 28.74
CA ALA B 135 -26.70 -14.00 28.19
C ALA B 135 -26.46 -13.83 26.70
N SER B 136 -25.20 -13.98 26.26
CA SER B 136 -24.89 -14.09 24.84
C SER B 136 -24.46 -15.53 24.51
N VAL B 137 -25.08 -16.09 23.49
CA VAL B 137 -24.74 -17.43 23.00
C VAL B 137 -24.13 -17.29 21.59
N VAL B 138 -22.91 -17.80 21.41
CA VAL B 138 -22.22 -17.60 20.14
C VAL B 138 -22.08 -18.87 19.33
N CYS B 139 -22.39 -18.77 18.04
CA CYS B 139 -22.23 -19.86 17.11
C CYS B 139 -21.20 -19.45 16.06
N LEU B 140 -20.15 -20.25 15.90
CA LEU B 140 -19.07 -19.91 14.95
C LEU B 140 -19.09 -20.86 13.78
N LEU B 141 -19.10 -20.29 12.57
CA LEU B 141 -18.94 -21.03 11.33
C LEU B 141 -17.58 -20.63 10.79
N ASN B 142 -16.63 -21.56 10.83
CA ASN B 142 -15.26 -21.25 10.50
C ASN B 142 -14.81 -21.79 9.15
N ASN B 143 -14.17 -20.92 8.36
CA ASN B 143 -13.43 -21.29 7.16
C ASN B 143 -14.23 -22.04 6.06
N PHE B 144 -15.30 -21.42 5.60
CA PHE B 144 -16.18 -22.05 4.63
C PHE B 144 -16.19 -21.29 3.30
N TYR B 145 -16.64 -21.97 2.25
CA TYR B 145 -16.79 -21.34 0.94
C TYR B 145 -17.83 -22.10 0.14
N PRO B 146 -18.78 -21.39 -0.53
CA PRO B 146 -18.95 -19.94 -0.71
C PRO B 146 -19.59 -19.24 0.49
N ARG B 147 -19.80 -17.93 0.39
CA ARG B 147 -20.29 -17.12 1.53
C ARG B 147 -21.72 -17.43 1.97
N GLU B 148 -22.59 -17.79 1.03
CA GLU B 148 -23.99 -18.13 1.37
C GLU B 148 -24.04 -19.19 2.46
N ALA B 149 -24.73 -18.87 3.56
CA ALA B 149 -24.90 -19.78 4.69
C ALA B 149 -26.16 -19.41 5.48
N LYS B 150 -26.85 -20.41 6.02
CA LYS B 150 -28.00 -20.13 6.86
C LYS B 150 -27.73 -20.63 8.27
N VAL B 151 -27.94 -19.75 9.24
CA VAL B 151 -27.84 -20.12 10.64
C VAL B 151 -29.19 -19.90 11.29
N GLN B 152 -29.72 -20.94 11.89
CA GLN B 152 -30.97 -20.84 12.66
C GLN B 152 -30.75 -21.20 14.11
N TRP B 153 -31.37 -20.41 14.99
CA TRP B 153 -31.30 -20.67 16.42
C TRP B 153 -32.58 -21.38 16.87
N LYS B 154 -32.40 -22.53 17.51
CA LYS B 154 -33.47 -23.29 18.16
C LYS B 154 -33.25 -23.28 19.69
N VAL B 155 -34.28 -22.89 20.45
CA VAL B 155 -34.21 -22.92 21.91
C VAL B 155 -35.34 -23.82 22.40
N ASP B 156 -34.99 -24.98 22.96
CA ASP B 156 -35.93 -26.07 23.25
C ASP B 156 -36.81 -26.40 22.04
N ASN B 157 -36.16 -26.60 20.89
CA ASN B 157 -36.81 -26.92 19.60
C ASN B 157 -37.60 -25.78 18.94
N ALA B 158 -37.70 -24.64 19.62
CA ALA B 158 -38.44 -23.49 19.09
C ALA B 158 -37.53 -22.53 18.33
N LEU B 159 -37.96 -22.18 17.11
CA LEU B 159 -37.21 -21.28 16.25
C LEU B 159 -37.21 -19.86 16.81
N GLN B 160 -36.01 -19.30 16.94
CA GLN B 160 -35.82 -17.94 17.43
C GLN B 160 -35.91 -16.92 16.31
N SER B 161 -36.53 -15.78 16.58
CA SER B 161 -36.43 -14.65 15.66
C SER B 161 -36.34 -13.30 16.35
N GLY B 162 -35.52 -12.43 15.75
CA GLY B 162 -35.33 -11.06 16.19
C GLY B 162 -34.37 -10.88 17.36
N ASN B 163 -33.66 -11.93 17.76
CA ASN B 163 -32.76 -11.86 18.93
C ASN B 163 -31.33 -12.33 18.65
N SER B 164 -31.00 -12.37 17.36
CA SER B 164 -29.65 -12.75 16.94
C SER B 164 -29.11 -11.77 15.91
N GLN B 165 -27.78 -11.62 15.88
CA GLN B 165 -27.12 -10.82 14.86
C GLN B 165 -25.91 -11.62 14.31
N GLU B 166 -25.67 -11.49 13.00
CA GLU B 166 -24.57 -12.17 12.31
C GLU B 166 -23.49 -11.18 11.90
N SER B 167 -22.25 -11.66 11.85
CA SER B 167 -21.13 -10.85 11.39
C SER B 167 -20.22 -11.75 10.55
N VAL B 168 -19.60 -11.20 9.50
CA VAL B 168 -18.83 -12.04 8.57
C VAL B 168 -17.47 -11.45 8.27
N THR B 169 -16.45 -12.32 8.18
CA THR B 169 -15.12 -11.85 7.85
C THR B 169 -15.01 -11.54 6.35
N GLU B 170 -14.01 -10.74 6.02
CA GLU B 170 -13.60 -10.59 4.63
C GLU B 170 -12.97 -11.91 4.21
N GLN B 171 -13.02 -12.21 2.92
CA GLN B 171 -12.41 -13.41 2.36
C GLN B 171 -10.94 -13.50 2.74
N ASP B 172 -10.52 -14.64 3.27
CA ASP B 172 -9.12 -14.83 3.67
C ASP B 172 -8.19 -14.78 2.46
N SER B 173 -7.16 -13.94 2.56
CA SER B 173 -6.29 -13.70 1.41
C SER B 173 -5.50 -14.97 1.03
N LYS B 174 -5.30 -15.87 1.99
CA LYS B 174 -4.51 -17.06 1.72
C LYS B 174 -5.34 -18.30 1.37
N ASP B 175 -6.41 -18.58 2.10
CA ASP B 175 -7.22 -19.78 1.80
C ASP B 175 -8.57 -19.48 1.12
N SER B 176 -8.85 -18.21 0.88
CA SER B 176 -10.07 -17.77 0.19
C SER B 176 -11.38 -18.21 0.87
N THR B 177 -11.34 -18.42 2.19
CA THR B 177 -12.57 -18.79 2.92
C THR B 177 -13.13 -17.61 3.69
N TYR B 178 -14.38 -17.78 4.14
CA TYR B 178 -15.02 -16.85 5.06
C TYR B 178 -15.20 -17.49 6.44
N SER B 179 -15.40 -16.65 7.45
CA SER B 179 -15.89 -17.14 8.72
C SER B 179 -17.05 -16.26 9.17
N LEU B 180 -17.95 -16.82 9.98
CA LEU B 180 -19.18 -16.12 10.35
C LEU B 180 -19.50 -16.37 11.82
N SER B 181 -19.98 -15.35 12.51
CA SER B 181 -20.45 -15.51 13.88
C SER B 181 -21.92 -15.15 13.92
N SER B 182 -22.69 -15.92 14.66
CA SER B 182 -24.07 -15.54 14.96
C SER B 182 -24.22 -15.49 16.45
N THR B 183 -24.74 -14.37 16.97
CA THR B 183 -24.85 -14.19 18.40
C THR B 183 -26.30 -14.04 18.83
N LEU B 184 -26.75 -14.99 19.65
CA LEU B 184 -28.08 -14.98 20.23
C LEU B 184 -28.01 -14.24 21.57
N THR B 185 -28.85 -13.22 21.72
CA THR B 185 -28.85 -12.42 22.95
C THR B 185 -30.18 -12.54 23.69
N LEU B 186 -30.07 -12.90 24.98
CA LEU B 186 -31.23 -13.08 25.85
C LEU B 186 -30.98 -12.40 27.19
N SER B 187 -32.07 -12.04 27.90
CA SER B 187 -31.90 -11.64 29.29
C SER B 187 -31.54 -12.90 30.08
N LYS B 188 -30.91 -12.72 31.23
CA LYS B 188 -30.58 -13.83 32.11
C LYS B 188 -31.88 -14.57 32.50
N ALA B 189 -32.91 -13.79 32.86
CA ALA B 189 -34.24 -14.35 33.18
C ALA B 189 -34.78 -15.24 32.06
N ASP B 190 -34.64 -14.79 30.81
CA ASP B 190 -35.09 -15.57 29.67
C ASP B 190 -34.21 -16.78 29.36
N TYR B 191 -32.90 -16.64 29.55
CA TYR B 191 -31.95 -17.75 29.33
C TYR B 191 -32.15 -18.96 30.26
N GLU B 192 -32.41 -18.70 31.54
CA GLU B 192 -32.59 -19.79 32.51
C GLU B 192 -33.99 -20.46 32.44
N LYS B 193 -34.89 -19.89 31.63
CA LYS B 193 -36.20 -20.51 31.36
C LYS B 193 -36.08 -21.82 30.58
N HIS B 194 -35.06 -21.91 29.73
CA HIS B 194 -34.93 -23.02 28.79
C HIS B 194 -33.65 -23.84 28.99
N LYS B 195 -33.63 -25.03 28.39
CA LYS B 195 -32.54 -25.99 28.57
C LYS B 195 -31.66 -26.13 27.34
N VAL B 196 -32.29 -26.52 26.23
CA VAL B 196 -31.57 -26.85 25.01
C VAL B 196 -31.36 -25.60 24.15
N TYR B 197 -30.09 -25.28 23.91
CA TYR B 197 -29.68 -24.20 23.02
C TYR B 197 -28.91 -24.77 21.84
N ALA B 198 -29.43 -24.52 20.63
CA ALA B 198 -28.96 -25.20 19.42
C ALA B 198 -28.72 -24.22 18.30
N CYS B 199 -27.61 -24.42 17.59
CA CYS B 199 -27.28 -23.66 16.40
C CYS B 199 -27.35 -24.59 15.19
N GLU B 200 -28.27 -24.33 14.26
CA GLU B 200 -28.43 -25.16 13.06
C GLU B 200 -27.92 -24.47 11.79
N VAL B 201 -26.97 -25.10 11.12
CA VAL B 201 -26.24 -24.48 10.00
C VAL B 201 -26.51 -25.21 8.68
N THR B 202 -26.90 -24.44 7.68
CA THR B 202 -27.16 -24.93 6.34
C THR B 202 -26.12 -24.32 5.40
N HIS B 203 -25.46 -25.17 4.62
CA HIS B 203 -24.40 -24.72 3.71
C HIS B 203 -24.20 -25.74 2.58
N GLN B 204 -23.85 -25.24 1.41
CA GLN B 204 -23.61 -26.06 0.20
C GLN B 204 -22.61 -27.20 0.44
N GLY B 205 -21.62 -26.96 1.31
CA GLY B 205 -20.63 -27.95 1.67
C GLY B 205 -21.10 -29.12 2.53
N LEU B 206 -22.27 -28.98 3.16
CA LEU B 206 -22.79 -30.05 4.06
C LEU B 206 -23.93 -30.84 3.41
N SER B 207 -23.86 -32.17 3.50
CA SER B 207 -24.90 -33.09 2.99
C SER B 207 -26.29 -32.69 3.46
N SER B 208 -26.41 -32.49 4.77
CA SER B 208 -27.63 -32.01 5.39
C SER B 208 -27.25 -31.03 6.52
N PRO B 209 -28.23 -30.26 7.05
CA PRO B 209 -27.93 -29.27 8.08
C PRO B 209 -27.19 -29.84 9.28
N VAL B 210 -26.18 -29.12 9.75
CA VAL B 210 -25.39 -29.54 10.92
C VAL B 210 -25.80 -28.72 12.15
N THR B 211 -25.93 -29.40 13.28
CA THR B 211 -26.41 -28.79 14.53
C THR B 211 -25.40 -29.00 15.65
N LYS B 212 -24.99 -27.90 16.30
CA LYS B 212 -24.27 -27.98 17.56
C LYS B 212 -25.20 -27.45 18.63
N SER B 213 -25.15 -28.07 19.81
CA SER B 213 -26.00 -27.69 20.91
C SER B 213 -25.34 -27.98 22.24
N PHE B 214 -25.90 -27.38 23.29
CA PHE B 214 -25.54 -27.72 24.65
C PHE B 214 -26.82 -27.64 25.46
N ASN B 215 -26.80 -28.30 26.61
CA ASN B 215 -27.81 -28.12 27.62
C ASN B 215 -27.26 -27.14 28.66
N ARG B 216 -28.06 -26.11 28.94
CA ARG B 216 -27.70 -25.11 29.93
C ARG B 216 -27.34 -25.82 31.24
N GLY B 217 -26.07 -25.68 31.65
CA GLY B 217 -25.50 -26.47 32.75
C GLY B 217 -24.29 -27.25 32.24
N GLU B 218 -24.26 -28.54 32.52
CA GLU B 218 -23.22 -29.47 32.00
C GLU B 218 -21.85 -28.83 31.70
N GLU C 1 -5.28 8.41 12.54
CA GLU C 1 -3.86 8.20 12.90
C GLU C 1 -3.06 9.52 12.90
N VAL C 2 -1.79 9.41 13.28
CA VAL C 2 -0.84 10.49 13.08
C VAL C 2 -0.31 10.37 11.65
N GLN C 3 -0.15 11.51 10.99
CA GLN C 3 0.48 11.54 9.67
C GLN C 3 1.62 12.54 9.69
N LEU C 4 2.79 12.12 9.23
CA LEU C 4 3.88 13.06 8.99
C LEU C 4 3.92 13.44 7.51
N VAL C 5 3.83 14.74 7.22
CA VAL C 5 3.81 15.18 5.82
C VAL C 5 5.02 16.06 5.51
N GLN C 6 5.87 15.61 4.59
CA GLN C 6 7.10 16.34 4.26
C GLN C 6 6.98 17.26 3.04
N SER C 7 7.76 18.33 3.04
CA SER C 7 7.85 19.28 1.91
C SER C 7 8.34 18.59 0.62
N GLY C 8 8.17 19.26 -0.51
CA GLY C 8 8.46 18.65 -1.83
C GLY C 8 9.94 18.50 -2.15
N ALA C 9 10.24 17.92 -3.32
CA ALA C 9 11.64 17.64 -3.69
C ALA C 9 12.44 18.93 -3.83
N GLU C 10 13.73 18.82 -3.50
CA GLU C 10 14.70 19.94 -3.56
C GLU C 10 15.79 19.63 -4.57
N VAL C 11 16.18 20.67 -5.30
CA VAL C 11 17.31 20.56 -6.21
C VAL C 11 18.19 21.77 -5.93
N LYS C 12 19.39 21.50 -5.47
CA LYS C 12 20.30 22.54 -5.00
C LYS C 12 21.66 22.46 -5.65
N LYS C 13 22.36 23.59 -5.71
CA LYS C 13 23.76 23.64 -6.12
C LYS C 13 24.64 23.46 -4.88
N PRO C 14 25.87 22.94 -5.05
CA PRO C 14 26.82 22.85 -3.93
C PRO C 14 27.06 24.20 -3.27
N GLY C 15 27.19 24.19 -1.94
CA GLY C 15 27.36 25.40 -1.14
C GLY C 15 26.07 26.07 -0.67
N GLU C 16 24.94 25.74 -1.31
CA GLU C 16 23.67 26.32 -0.94
C GLU C 16 23.17 25.68 0.36
N SER C 17 22.06 26.22 0.87
CA SER C 17 21.36 25.62 2.00
C SER C 17 19.96 25.20 1.61
N LEU C 18 19.42 24.28 2.40
CA LEU C 18 18.03 23.86 2.27
C LEU C 18 17.38 23.82 3.65
N LYS C 19 16.06 23.82 3.65
CA LYS C 19 15.30 23.66 4.86
C LYS C 19 14.07 22.89 4.47
N ILE C 20 13.95 21.69 5.02
CA ILE C 20 12.83 20.83 4.69
C ILE C 20 11.94 20.63 5.93
N SER C 21 10.64 20.43 5.69
CA SER C 21 9.67 20.40 6.79
C SER C 21 9.06 19.02 6.93
N CYS C 22 8.57 18.77 8.14
CA CYS C 22 7.89 17.54 8.47
C CYS C 22 6.74 17.96 9.38
N GLN C 23 5.55 18.07 8.83
CA GLN C 23 4.42 18.55 9.62
C GLN C 23 3.66 17.35 10.17
N ALA C 24 3.43 17.36 11.48
CA ALA C 24 2.81 16.25 12.15
C ALA C 24 1.35 16.58 12.42
N PHE C 25 0.48 15.68 11.96
CA PHE C 25 -0.96 15.82 12.16
C PHE C 25 -1.37 14.78 13.16
N GLY C 26 -1.83 15.24 14.32
CA GLY C 26 -2.23 14.34 15.38
C GLY C 26 -1.81 14.88 16.72
N TYR C 27 -2.15 14.15 17.77
CA TYR C 27 -1.94 14.62 19.13
C TYR C 27 -0.49 14.53 19.59
N GLY C 28 -0.09 15.52 20.39
CA GLY C 28 1.10 15.45 21.24
C GLY C 28 2.42 15.72 20.56
N PHE C 29 2.45 16.71 19.68
CA PHE C 29 3.70 17.06 18.99
C PHE C 29 4.90 17.27 19.95
N ILE C 30 4.66 17.86 21.13
CA ILE C 30 5.74 18.12 22.11
C ILE C 30 6.13 16.90 22.96
N ASN C 31 5.35 15.83 22.89
CA ASN C 31 5.66 14.63 23.61
C ASN C 31 6.51 13.73 22.75
N TYR C 32 6.64 14.11 21.47
CA TYR C 32 7.23 13.33 20.37
C TYR C 32 8.76 13.33 20.41
N LEU C 33 9.41 12.22 20.04
CA LEU C 33 10.79 12.33 19.52
C LEU C 33 10.77 12.18 18.00
N ILE C 34 11.19 13.23 17.30
CA ILE C 34 11.23 13.23 15.85
C ILE C 34 12.65 13.01 15.38
N GLU C 35 12.83 11.96 14.58
CA GLU C 35 14.12 11.62 14.06
C GLU C 35 14.19 11.94 12.57
N TRP C 36 15.38 12.24 12.11
CA TRP C 36 15.61 12.41 10.69
C TRP C 36 16.61 11.36 10.27
N ILE C 37 16.31 10.74 9.14
CA ILE C 37 17.09 9.62 8.59
C ILE C 37 17.12 9.77 7.07
N ARG C 38 18.32 9.70 6.50
CA ARG C 38 18.45 9.84 5.06
C ARG C 38 18.90 8.53 4.46
N GLN C 39 18.54 8.34 3.20
CA GLN C 39 18.86 7.10 2.51
C GLN C 39 19.39 7.43 1.15
N MET C 40 20.64 7.03 0.95
CA MET C 40 21.37 7.29 -0.26
C MET C 40 20.90 6.32 -1.36
N PRO C 41 21.02 6.71 -2.64
CA PRO C 41 20.59 5.82 -3.74
C PRO C 41 21.01 4.34 -3.51
N GLY C 42 20.04 3.44 -3.46
CA GLY C 42 20.27 2.00 -3.20
C GLY C 42 21.11 1.61 -1.97
N GLN C 43 21.20 2.51 -1.01
CA GLN C 43 22.10 2.32 0.14
C GLN C 43 21.38 2.11 1.49
N GLY C 44 22.15 2.18 2.57
CA GLY C 44 21.63 1.98 3.90
C GLY C 44 21.02 3.24 4.48
N LEU C 45 20.63 3.16 5.76
CA LEU C 45 19.99 4.27 6.44
C LEU C 45 21.01 5.05 7.27
N GLU C 46 21.09 6.37 7.04
CA GLU C 46 22.01 7.19 7.81
C GLU C 46 21.20 8.05 8.76
N TRP C 47 21.37 7.78 10.06
CA TRP C 47 20.62 8.51 11.10
C TRP C 47 21.26 9.89 11.28
N ILE C 48 20.44 10.94 11.19
CA ILE C 48 20.94 12.31 11.28
C ILE C 48 20.86 12.85 12.70
N GLY C 49 19.72 12.65 13.34
CA GLY C 49 19.53 13.26 14.67
C GLY C 49 18.11 13.12 15.14
N LEU C 50 17.87 13.59 16.36
CA LEU C 50 16.60 13.45 17.05
C LEU C 50 16.30 14.79 17.73
N ILE C 51 15.04 15.17 17.74
CA ILE C 51 14.59 16.34 18.47
C ILE C 51 13.29 16.03 19.23
N ASN C 52 13.21 16.52 20.46
CA ASN C 52 11.94 16.60 21.20
C ASN C 52 11.43 18.03 21.10
N PRO C 53 10.33 18.25 20.34
CA PRO C 53 9.85 19.63 20.10
C PRO C 53 9.65 20.56 21.32
N GLY C 54 9.02 20.13 22.39
CA GLY C 54 8.79 21.18 23.45
C GLY C 54 10.04 21.70 24.16
N SER C 55 10.86 20.76 24.61
CA SER C 55 12.11 21.03 25.29
C SER C 55 13.21 21.50 24.33
N ASP C 56 12.99 21.28 23.04
CA ASP C 56 14.02 21.42 22.00
C ASP C 56 15.28 20.60 22.29
N TYR C 57 15.16 19.51 23.05
CA TYR C 57 16.27 18.61 23.28
C TYR C 57 16.64 18.01 21.92
N THR C 58 17.93 18.09 21.57
CA THR C 58 18.39 17.44 20.34
C THR C 58 19.57 16.53 20.61
N ASN C 59 19.75 15.57 19.71
CA ASN C 59 20.90 14.74 19.69
C ASN C 59 21.25 14.49 18.23
N TYR C 60 22.49 14.81 17.86
CA TYR C 60 22.94 14.79 16.47
C TYR C 60 23.95 13.67 16.23
N ASN C 61 23.88 13.04 15.06
CA ASN C 61 25.01 12.27 14.57
C ASN C 61 26.18 13.24 14.39
N GLU C 62 27.26 12.97 15.11
CA GLU C 62 28.52 13.72 15.08
C GLU C 62 28.94 14.08 13.64
N ASN C 63 28.78 13.14 12.72
CA ASN C 63 29.17 13.37 11.33
C ASN C 63 28.50 14.57 10.65
N PHE C 64 27.29 14.92 11.10
CA PHE C 64 26.49 15.94 10.42
C PHE C 64 26.27 17.21 11.24
N LYS C 65 26.87 17.24 12.43
CA LYS C 65 26.64 18.32 13.39
C LYS C 65 26.97 19.72 12.83
N GLY C 66 28.03 19.83 12.05
CA GLY C 66 28.43 21.09 11.41
C GLY C 66 27.44 21.65 10.38
N GLN C 67 26.63 20.77 9.79
CA GLN C 67 25.75 21.17 8.68
C GLN C 67 24.27 21.07 8.97
N ALA C 68 23.88 20.07 9.76
CA ALA C 68 22.45 19.82 10.04
C ALA C 68 21.96 20.62 11.23
N THR C 69 20.79 21.24 11.10
CA THR C 69 20.14 21.90 12.24
C THR C 69 18.69 21.41 12.39
N LEU C 70 18.39 20.82 13.55
CA LEU C 70 17.02 20.42 13.90
C LEU C 70 16.23 21.51 14.63
N SER C 71 15.00 21.78 14.20
CA SER C 71 14.15 22.73 14.90
C SER C 71 12.71 22.28 14.80
N ALA C 72 11.84 22.91 15.58
CA ALA C 72 10.42 22.61 15.54
C ALA C 72 9.62 23.87 15.84
N ASP C 73 8.46 23.99 15.20
CA ASP C 73 7.55 25.09 15.45
C ASP C 73 6.30 24.50 16.09
N LYS C 74 6.13 24.75 17.39
CA LYS C 74 4.96 24.27 18.15
C LYS C 74 3.64 24.80 17.59
N SER C 75 3.66 26.00 17.02
CA SER C 75 2.41 26.66 16.60
C SER C 75 1.77 25.92 15.43
N SER C 76 2.59 25.33 14.57
CA SER C 76 2.08 24.63 13.40
C SER C 76 2.37 23.12 13.46
N SER C 77 2.93 22.66 14.58
CA SER C 77 3.34 21.26 14.73
C SER C 77 4.27 20.80 13.62
N THR C 78 5.17 21.67 13.20
CA THR C 78 6.11 21.35 12.13
C THR C 78 7.54 21.23 12.65
N ALA C 79 8.22 20.15 12.28
CA ALA C 79 9.65 19.98 12.55
C ALA C 79 10.40 20.27 11.26
N TYR C 80 11.60 20.82 11.39
CA TYR C 80 12.41 21.23 10.24
C TYR C 80 13.80 20.64 10.31
N LEU C 81 14.34 20.34 9.13
CA LEU C 81 15.75 20.01 8.98
C LEU C 81 16.41 21.06 8.08
N GLN C 82 17.35 21.79 8.66
CA GLN C 82 18.16 22.75 7.94
C GLN C 82 19.49 22.12 7.65
N TRP C 83 19.99 22.32 6.43
CA TRP C 83 21.28 21.76 6.02
C TRP C 83 22.02 22.81 5.21
N SER C 84 23.15 23.27 5.75
CA SER C 84 24.01 24.22 5.05
C SER C 84 25.20 23.53 4.36
N SER C 85 25.91 24.30 3.52
CA SER C 85 27.06 23.81 2.75
C SER C 85 26.81 22.49 2.09
N LEU C 86 25.71 22.39 1.35
CA LEU C 86 25.35 21.18 0.64
C LEU C 86 26.43 20.74 -0.36
N LYS C 87 26.58 19.42 -0.52
CA LYS C 87 27.62 18.80 -1.36
C LYS C 87 26.88 17.79 -2.20
N ALA C 88 27.47 17.38 -3.33
CA ALA C 88 26.91 16.31 -4.15
C ALA C 88 26.50 15.06 -3.33
N SER C 89 27.33 14.72 -2.36
CA SER C 89 27.15 13.49 -1.59
C SER C 89 25.94 13.57 -0.62
N ASP C 90 25.35 14.75 -0.49
CA ASP C 90 24.13 14.94 0.31
C ASP C 90 22.87 14.55 -0.47
N THR C 91 23.04 14.22 -1.76
CA THR C 91 21.93 13.71 -2.59
C THR C 91 21.38 12.45 -1.94
N ALA C 92 20.08 12.46 -1.64
CA ALA C 92 19.43 11.34 -0.96
C ALA C 92 17.96 11.62 -0.70
N MET C 93 17.24 10.57 -0.27
CA MET C 93 15.91 10.72 0.24
C MET C 93 16.00 10.98 1.75
N TYR C 94 15.37 12.06 2.20
CA TYR C 94 15.34 12.42 3.62
C TYR C 94 13.97 12.11 4.23
N PHE C 95 13.96 11.25 5.23
CA PHE C 95 12.74 10.87 5.97
C PHE C 95 12.71 11.52 7.35
N CYS C 96 11.53 11.92 7.80
CA CYS C 96 11.33 12.14 9.24
C CYS C 96 10.55 10.94 9.80
N ALA C 97 10.74 10.65 11.09
CA ALA C 97 10.00 9.56 11.72
C ALA C 97 9.74 9.82 13.19
N ARG C 98 8.65 9.26 13.69
CA ARG C 98 8.42 9.18 15.13
C ARG C 98 8.24 7.74 15.52
N ARG C 99 9.13 7.30 16.41
CA ARG C 99 9.21 5.90 16.82
C ARG C 99 9.09 5.75 18.33
N PHE C 100 9.64 6.69 19.09
CA PHE C 100 9.85 6.49 20.53
C PHE C 100 9.30 7.56 21.46
N GLY C 101 9.06 7.16 22.70
CA GLY C 101 8.85 8.09 23.80
C GLY C 101 10.11 8.11 24.64
N TYR C 102 9.99 8.41 25.93
CA TYR C 102 11.15 8.26 26.81
C TYR C 102 11.25 6.80 27.27
N TYR C 103 12.46 6.34 27.59
CA TYR C 103 12.64 5.00 28.16
C TYR C 103 11.64 4.78 29.30
N GLY C 104 11.09 3.58 29.36
CA GLY C 104 10.13 3.21 30.41
C GLY C 104 8.68 3.55 30.11
N SER C 105 8.45 4.28 29.01
CA SER C 105 7.11 4.70 28.62
C SER C 105 6.32 3.59 27.93
N GLY C 106 7.04 2.59 27.42
CA GLY C 106 6.43 1.50 26.67
C GLY C 106 5.93 1.93 25.29
N ASN C 107 6.27 3.16 24.90
CA ASN C 107 5.88 3.70 23.60
C ASN C 107 6.71 3.17 22.45
N TYR C 108 6.06 2.49 21.50
CA TYR C 108 6.67 2.16 20.21
C TYR C 108 5.72 2.57 19.09
N PHE C 109 6.18 3.52 18.27
CA PHE C 109 5.41 4.01 17.13
C PHE C 109 6.12 3.68 15.81
N ASP C 110 5.40 3.81 14.71
CA ASP C 110 6.03 3.63 13.41
C ASP C 110 5.48 4.62 12.41
N TYR C 111 5.61 5.90 12.73
CA TYR C 111 5.14 6.93 11.82
C TYR C 111 6.31 7.44 11.00
N TRP C 112 6.14 7.46 9.68
CA TRP C 112 7.19 7.95 8.77
C TRP C 112 6.61 8.97 7.83
N GLY C 113 7.37 10.02 7.57
CA GLY C 113 7.04 10.93 6.46
C GLY C 113 7.16 10.17 5.15
N GLN C 114 6.67 10.77 4.06
CA GLN C 114 6.75 10.15 2.72
C GLN C 114 8.15 10.28 2.13
N GLY C 115 9.00 11.08 2.78
CA GLY C 115 10.35 11.31 2.30
C GLY C 115 10.40 12.54 1.39
N THR C 116 11.54 13.22 1.42
CA THR C 116 11.78 14.40 0.59
C THR C 116 13.03 14.09 -0.23
N MET C 117 12.89 14.10 -1.56
CA MET C 117 14.05 13.87 -2.39
C MET C 117 14.90 15.14 -2.49
N VAL C 118 16.19 14.99 -2.24
CA VAL C 118 17.13 16.09 -2.39
C VAL C 118 18.19 15.73 -3.45
N THR C 119 18.38 16.62 -4.42
CA THR C 119 19.47 16.47 -5.39
C THR C 119 20.38 17.69 -5.26
N VAL C 120 21.66 17.43 -5.06
CA VAL C 120 22.66 18.48 -5.05
C VAL C 120 23.63 18.25 -6.21
N SER C 121 23.71 19.22 -7.11
CA SER C 121 24.56 19.12 -8.30
C SER C 121 24.83 20.50 -8.88
N SER C 122 25.96 20.62 -9.58
CA SER C 122 26.33 21.86 -10.27
C SER C 122 25.53 22.02 -11.57
N ALA C 123 24.93 20.93 -12.05
CA ALA C 123 24.08 20.95 -13.25
C ALA C 123 22.85 21.84 -13.09
N SER C 124 22.30 22.27 -14.23
CA SER C 124 21.07 23.06 -14.25
C SER C 124 19.99 22.38 -15.06
N THR C 125 18.73 22.73 -14.77
CA THR C 125 17.57 22.14 -15.42
C THR C 125 17.76 22.01 -16.93
N LYS C 126 17.46 20.82 -17.45
CA LYS C 126 17.60 20.54 -18.87
C LYS C 126 16.69 19.39 -19.30
N GLY C 127 15.84 19.65 -20.30
CA GLY C 127 14.95 18.61 -20.83
C GLY C 127 15.67 17.58 -21.69
N PRO C 128 15.16 16.32 -21.69
CA PRO C 128 15.85 15.24 -22.36
C PRO C 128 15.74 15.29 -23.87
N SER C 129 16.66 14.60 -24.53
CA SER C 129 16.53 14.29 -25.96
C SER C 129 16.08 12.83 -26.06
N VAL C 130 15.09 12.55 -26.90
CA VAL C 130 14.56 11.18 -26.99
C VAL C 130 14.90 10.57 -28.34
N PHE C 131 15.66 9.48 -28.30
CA PHE C 131 16.09 8.81 -29.52
C PHE C 131 15.49 7.40 -29.62
N PRO C 132 15.11 6.97 -30.84
CA PRO C 132 14.55 5.63 -30.95
C PRO C 132 15.61 4.55 -30.83
N LEU C 133 15.24 3.42 -30.24
CA LEU C 133 16.01 2.18 -30.30
C LEU C 133 15.17 1.24 -31.17
N ALA C 134 15.47 1.25 -32.47
CA ALA C 134 14.59 0.60 -33.46
C ALA C 134 14.69 -0.93 -33.38
N PRO C 135 13.58 -1.64 -33.68
CA PRO C 135 13.66 -3.11 -33.75
C PRO C 135 14.45 -3.53 -35.00
N SER C 136 15.39 -4.45 -34.85
CA SER C 136 16.21 -4.89 -36.00
C SER C 136 15.38 -5.69 -37.03
N SER C 137 15.98 -5.96 -38.19
CA SER C 137 15.36 -6.70 -39.28
C SER C 137 14.79 -8.05 -38.85
N GLY C 142 13.44 -14.19 -34.89
CA GLY C 142 12.78 -14.72 -33.70
C GLY C 142 11.27 -14.78 -33.85
N GLY C 143 10.55 -14.73 -32.72
CA GLY C 143 9.09 -14.58 -32.68
C GLY C 143 8.68 -13.28 -32.03
N THR C 144 9.61 -12.69 -31.28
CA THR C 144 9.40 -11.40 -30.64
C THR C 144 10.59 -10.48 -30.87
N ALA C 145 10.33 -9.18 -30.96
CA ALA C 145 11.37 -8.19 -31.19
C ALA C 145 11.50 -7.27 -29.98
N ALA C 146 12.66 -6.65 -29.82
CA ALA C 146 12.80 -5.64 -28.77
C ALA C 146 12.92 -4.26 -29.43
N LEU C 147 12.27 -3.27 -28.85
CA LEU C 147 12.41 -1.91 -29.31
C LEU C 147 12.40 -1.00 -28.10
N GLY C 148 12.74 0.28 -28.28
CA GLY C 148 12.76 1.20 -27.16
C GLY C 148 13.02 2.65 -27.47
N CYS C 149 13.25 3.41 -26.41
CA CYS C 149 13.60 4.83 -26.51
C CYS C 149 14.73 5.09 -25.54
N LEU C 150 15.72 5.85 -25.98
CA LEU C 150 16.81 6.28 -25.14
C LEU C 150 16.50 7.73 -24.78
N VAL C 151 16.36 7.97 -23.47
CA VAL C 151 16.03 9.29 -22.96
C VAL C 151 17.33 9.87 -22.42
N LYS C 152 17.91 10.80 -23.17
CA LYS C 152 19.27 11.23 -22.87
C LYS C 152 19.42 12.69 -22.43
N ASP C 153 20.36 12.90 -21.53
CA ASP C 153 20.89 14.23 -21.17
C ASP C 153 19.88 15.16 -20.55
N TYR C 154 19.29 14.75 -19.44
CA TYR C 154 18.34 15.61 -18.73
C TYR C 154 18.78 15.80 -17.29
N PHE C 155 18.17 16.80 -16.65
CA PHE C 155 18.39 17.10 -15.24
C PHE C 155 17.26 18.00 -14.75
N PRO C 156 16.76 17.75 -13.53
CA PRO C 156 17.15 16.63 -12.70
C PRO C 156 16.25 15.43 -12.96
N GLU C 157 16.41 14.39 -12.15
CA GLU C 157 15.41 13.33 -12.02
C GLU C 157 14.12 13.95 -11.50
N PRO C 158 12.96 13.31 -11.75
CA PRO C 158 12.76 12.12 -12.56
C PRO C 158 12.17 12.41 -13.92
N VAL C 159 12.25 11.41 -14.78
CA VAL C 159 11.54 11.40 -16.04
C VAL C 159 10.55 10.23 -15.96
N THR C 160 9.40 10.35 -16.61
CA THR C 160 8.48 9.22 -16.72
C THR C 160 8.35 8.79 -18.18
N VAL C 161 8.20 7.49 -18.40
CA VAL C 161 8.05 6.95 -19.74
C VAL C 161 6.82 6.05 -19.75
N SER C 162 5.95 6.21 -20.74
CA SER C 162 4.89 5.26 -20.99
C SER C 162 4.97 4.85 -22.45
N TRP C 163 4.26 3.77 -22.79
CA TRP C 163 4.20 3.27 -24.15
C TRP C 163 2.76 3.30 -24.63
N ASN C 164 2.56 3.87 -25.80
CA ASN C 164 1.23 4.08 -26.37
C ASN C 164 0.22 4.65 -25.37
N SER C 165 0.65 5.71 -24.70
CA SER C 165 -0.11 6.46 -23.71
C SER C 165 -0.61 5.60 -22.55
N GLY C 166 0.24 4.67 -22.11
CA GLY C 166 -0.08 3.77 -20.99
C GLY C 166 -0.89 2.54 -21.37
N ALA C 167 -1.32 2.44 -22.62
CA ALA C 167 -2.11 1.30 -23.09
C ALA C 167 -1.26 0.02 -23.22
N LEU C 168 0.07 0.18 -23.21
CA LEU C 168 0.99 -0.96 -23.32
C LEU C 168 1.91 -1.03 -22.10
N THR C 169 1.73 -2.06 -21.27
CA THR C 169 2.55 -2.25 -20.07
C THR C 169 3.30 -3.59 -20.07
N SER C 170 2.71 -4.59 -20.72
CA SER C 170 3.29 -5.94 -20.79
C SER C 170 4.62 -5.90 -21.52
N GLY C 171 5.65 -6.46 -20.90
CA GLY C 171 6.95 -6.61 -21.56
C GLY C 171 7.77 -5.34 -21.53
N VAL C 172 7.26 -4.33 -20.83
CA VAL C 172 7.98 -3.05 -20.70
C VAL C 172 9.00 -3.13 -19.57
N HIS C 173 10.22 -2.66 -19.83
CA HIS C 173 11.20 -2.45 -18.77
C HIS C 173 11.77 -1.06 -18.88
N THR C 174 11.52 -0.22 -17.88
CA THR C 174 12.11 1.10 -17.86
C THR C 174 13.22 1.08 -16.80
N PHE C 175 14.46 1.26 -17.26
CA PHE C 175 15.63 1.11 -16.40
C PHE C 175 15.85 2.32 -15.51
N PRO C 176 16.50 2.10 -14.32
CA PRO C 176 16.91 3.23 -13.48
C PRO C 176 17.81 4.12 -14.28
N ALA C 177 17.71 5.43 -14.05
CA ALA C 177 18.57 6.38 -14.74
C ALA C 177 20.01 6.20 -14.31
N VAL C 178 20.96 6.49 -15.21
CA VAL C 178 22.36 6.56 -14.81
C VAL C 178 22.84 8.02 -14.90
N LEU C 179 23.72 8.39 -13.99
CA LEU C 179 24.28 9.72 -13.97
C LEU C 179 25.57 9.72 -14.79
N GLN C 180 25.59 10.52 -15.84
CA GLN C 180 26.77 10.60 -16.71
C GLN C 180 27.82 11.53 -16.10
N SER C 181 29.07 11.42 -16.57
CA SER C 181 30.15 12.30 -16.09
C SER C 181 29.87 13.77 -16.43
N SER C 182 29.01 14.03 -17.42
CA SER C 182 28.58 15.40 -17.77
C SER C 182 27.68 16.01 -16.70
N GLY C 183 27.18 15.19 -15.79
CA GLY C 183 26.29 15.66 -14.74
C GLY C 183 24.84 15.52 -15.15
N LEU C 184 24.60 15.08 -16.37
CA LEU C 184 23.24 14.87 -16.86
C LEU C 184 22.86 13.41 -16.75
N TYR C 185 21.56 13.16 -16.60
CA TYR C 185 21.07 11.79 -16.51
C TYR C 185 20.71 11.21 -17.89
N SER C 186 20.69 9.89 -17.96
CA SER C 186 20.30 9.14 -19.14
C SER C 186 19.60 7.85 -18.72
N LEU C 187 18.54 7.49 -19.42
CA LEU C 187 17.85 6.25 -19.14
C LEU C 187 17.23 5.66 -20.39
N SER C 188 17.04 4.35 -20.35
CA SER C 188 16.43 3.63 -21.44
C SER C 188 15.16 2.91 -20.96
N SER C 189 14.15 2.91 -21.84
CA SER C 189 12.95 2.10 -21.66
C SER C 189 12.82 1.22 -22.88
N VAL C 190 12.55 -0.07 -22.64
CA VAL C 190 12.41 -1.03 -23.73
C VAL C 190 11.09 -1.82 -23.59
N VAL C 191 10.66 -2.40 -24.70
CA VAL C 191 9.54 -3.33 -24.69
C VAL C 191 9.79 -4.41 -25.72
N THR C 192 9.38 -5.62 -25.39
CA THR C 192 9.45 -6.71 -26.35
C THR C 192 8.05 -6.91 -26.89
N VAL C 193 7.97 -7.09 -28.21
CA VAL C 193 6.68 -7.14 -28.90
C VAL C 193 6.71 -8.24 -29.98
N PRO C 194 5.52 -8.64 -30.50
CA PRO C 194 5.56 -9.67 -31.52
C PRO C 194 6.17 -9.14 -32.81
N SER C 195 6.96 -9.98 -33.48
CA SER C 195 7.54 -9.64 -34.78
C SER C 195 6.46 -9.44 -35.83
N SER C 196 5.36 -10.19 -35.70
CA SER C 196 4.27 -10.11 -36.65
C SER C 196 3.58 -8.74 -36.64
N SER C 197 3.76 -7.99 -35.55
CA SER C 197 3.08 -6.71 -35.33
C SER C 197 3.86 -5.47 -35.81
N LEU C 198 5.11 -5.66 -36.21
CA LEU C 198 5.98 -4.51 -36.48
C LEU C 198 5.58 -3.67 -37.70
N GLY C 199 4.91 -4.30 -38.67
CA GLY C 199 4.47 -3.60 -39.87
C GLY C 199 3.15 -2.87 -39.75
N THR C 200 2.39 -3.15 -38.70
CA THR C 200 1.04 -2.58 -38.56
C THR C 200 0.88 -1.74 -37.28
N GLN C 201 1.03 -2.38 -36.12
CA GLN C 201 0.91 -1.70 -34.83
C GLN C 201 2.00 -0.63 -34.65
N THR C 202 1.59 0.56 -34.26
CA THR C 202 2.55 1.64 -34.02
C THR C 202 3.01 1.63 -32.55
N TYR C 203 4.28 1.95 -32.32
CA TYR C 203 4.78 2.09 -30.95
C TYR C 203 5.37 3.46 -30.72
N ILE C 204 4.86 4.13 -29.69
CA ILE C 204 5.28 5.46 -29.36
C ILE C 204 5.65 5.50 -27.88
N CYS C 205 6.85 5.94 -27.57
CA CYS C 205 7.15 6.22 -26.17
C CYS C 205 6.78 7.65 -25.81
N ASN C 206 6.04 7.81 -24.70
CA ASN C 206 5.65 9.13 -24.24
C ASN C 206 6.52 9.48 -23.05
N VAL C 207 7.34 10.51 -23.22
CA VAL C 207 8.34 10.88 -22.21
C VAL C 207 7.90 12.22 -21.60
N ASN C 208 7.89 12.28 -20.26
CA ASN C 208 7.52 13.49 -19.53
C ASN C 208 8.61 13.86 -18.53
N HIS C 209 9.13 15.07 -18.65
CA HIS C 209 10.12 15.64 -17.72
C HIS C 209 9.56 16.92 -17.11
N LYS C 210 8.88 16.74 -15.99
CA LYS C 210 8.19 17.83 -15.29
C LYS C 210 9.08 19.02 -14.93
N PRO C 211 10.33 18.78 -14.44
CA PRO C 211 11.18 19.92 -14.12
C PRO C 211 11.41 20.94 -15.24
N SER C 212 11.36 20.49 -16.50
CA SER C 212 11.57 21.36 -17.65
C SER C 212 10.32 21.59 -18.49
N ASN C 213 9.19 21.04 -18.03
CA ASN C 213 7.92 21.06 -18.77
C ASN C 213 8.06 20.54 -20.21
N THR C 214 8.78 19.43 -20.34
CA THR C 214 9.03 18.79 -21.62
C THR C 214 8.19 17.53 -21.75
N LYS C 215 7.43 17.45 -22.84
CA LYS C 215 6.74 16.24 -23.18
C LYS C 215 7.10 15.88 -24.61
N VAL C 216 7.61 14.66 -24.78
CA VAL C 216 7.98 14.15 -26.10
C VAL C 216 7.25 12.84 -26.36
N ASP C 217 6.66 12.72 -27.54
CA ASP C 217 6.10 11.45 -28.01
C ASP C 217 6.92 11.03 -29.23
N LYS C 218 7.64 9.93 -29.10
CA LYS C 218 8.56 9.51 -30.15
C LYS C 218 8.13 8.18 -30.74
N ARG C 219 7.75 8.18 -32.02
CA ARG C 219 7.40 6.94 -32.70
C ARG C 219 8.66 6.12 -32.99
N VAL C 220 8.61 4.83 -32.65
CA VAL C 220 9.74 3.93 -32.86
C VAL C 220 9.32 2.90 -33.90
N GLU C 221 9.91 3.01 -35.09
CA GLU C 221 9.59 2.09 -36.19
C GLU C 221 10.84 1.39 -36.71
N PRO C 222 10.66 0.21 -37.34
CA PRO C 222 11.76 -0.49 -38.01
C PRO C 222 12.53 0.43 -38.96
N LYS C 223 13.82 0.17 -39.12
CA LYS C 223 14.70 0.87 -40.06
C LYS C 223 15.15 2.22 -39.51
N ASP D 1 30.41 4.69 18.49
CA ASP D 1 29.80 4.44 17.15
C ASP D 1 28.68 3.41 17.24
N VAL D 2 29.01 2.20 17.70
CA VAL D 2 28.11 1.02 17.65
C VAL D 2 27.79 0.62 16.19
N VAL D 3 28.77 0.01 15.54
CA VAL D 3 28.61 -0.56 14.21
C VAL D 3 27.62 -1.74 14.27
N MET D 4 26.72 -1.81 13.31
CA MET D 4 25.75 -2.91 13.21
C MET D 4 26.03 -3.67 11.93
N THR D 5 26.39 -4.94 12.05
CA THR D 5 26.76 -5.76 10.90
C THR D 5 25.67 -6.82 10.65
N GLN D 6 25.11 -6.80 9.44
CA GLN D 6 24.07 -7.73 9.02
C GLN D 6 24.59 -8.75 8.03
N THR D 7 24.18 -10.01 8.22
CA THR D 7 24.52 -11.10 7.30
C THR D 7 23.30 -12.01 7.06
N PRO D 8 23.14 -12.52 5.83
CA PRO D 8 23.92 -12.18 4.64
C PRO D 8 23.43 -10.85 4.07
N LEU D 9 24.11 -10.34 3.05
CA LEU D 9 23.69 -9.09 2.40
C LEU D 9 22.54 -9.27 1.41
N SER D 10 22.52 -10.42 0.72
CA SER D 10 21.46 -10.77 -0.22
C SER D 10 20.95 -12.13 0.20
N LEU D 11 19.64 -12.33 0.08
CA LEU D 11 19.05 -13.59 0.43
C LEU D 11 17.92 -14.02 -0.53
N PRO D 12 18.26 -14.83 -1.55
CA PRO D 12 17.19 -15.40 -2.38
C PRO D 12 16.45 -16.46 -1.58
N VAL D 13 15.13 -16.40 -1.56
CA VAL D 13 14.36 -17.41 -0.85
C VAL D 13 13.27 -17.97 -1.73
N THR D 14 13.08 -19.27 -1.64
CA THR D 14 11.98 -19.94 -2.32
C THR D 14 10.74 -19.75 -1.47
N PRO D 15 9.66 -19.21 -2.05
CA PRO D 15 8.40 -19.01 -1.32
C PRO D 15 7.98 -20.30 -0.60
N GLY D 16 7.53 -20.16 0.64
CA GLY D 16 7.15 -21.31 1.46
C GLY D 16 8.28 -21.80 2.36
N GLU D 17 9.52 -21.47 2.02
CA GLU D 17 10.67 -21.92 2.81
C GLU D 17 11.05 -20.93 3.93
N PRO D 18 11.78 -21.41 4.96
CA PRO D 18 12.21 -20.51 6.02
C PRO D 18 13.31 -19.52 5.60
N ALA D 19 13.45 -18.43 6.34
CA ALA D 19 14.57 -17.52 6.12
C ALA D 19 15.09 -17.06 7.46
N SER D 20 16.39 -16.83 7.54
CA SER D 20 17.04 -16.42 8.77
C SER D 20 18.03 -15.32 8.47
N ILE D 21 17.93 -14.21 9.21
CA ILE D 21 18.78 -13.03 9.05
C ILE D 21 19.44 -12.68 10.38
N SER D 22 20.73 -12.33 10.33
CA SER D 22 21.56 -12.10 11.50
C SER D 22 22.04 -10.65 11.58
N CYS D 23 22.12 -10.12 12.81
CA CYS D 23 22.60 -8.76 13.09
C CYS D 23 23.57 -8.85 14.26
N THR D 24 24.78 -8.35 14.07
CA THR D 24 25.77 -8.28 15.16
C THR D 24 26.13 -6.81 15.43
N SER D 25 26.09 -6.43 16.71
CA SER D 25 26.48 -5.07 17.09
C SER D 25 27.84 -5.07 17.79
N GLY D 26 28.66 -4.05 17.50
CA GLY D 26 30.00 -3.94 18.10
C GLY D 26 30.01 -3.71 19.61
N GLN D 27 28.83 -3.44 20.17
CA GLN D 27 28.70 -3.18 21.61
C GLN D 27 27.38 -3.78 22.09
N SER D 28 27.33 -4.19 23.36
CA SER D 28 26.10 -4.72 23.91
C SER D 28 24.95 -3.70 23.83
N LEU D 29 23.79 -4.17 23.41
CA LEU D 29 22.59 -3.33 23.29
C LEU D 29 21.71 -3.40 24.54
N VAL D 30 22.22 -4.05 25.58
CA VAL D 30 21.49 -4.12 26.84
C VAL D 30 21.67 -2.78 27.54
N HIS D 31 20.56 -2.10 27.81
CA HIS D 31 20.58 -0.79 28.47
C HIS D 31 20.80 -1.01 29.97
N ILE D 32 21.32 -0.02 30.68
CA ILE D 32 21.51 -0.14 32.13
C ILE D 32 20.16 -0.41 32.84
N ASN D 33 19.06 0.02 32.23
CA ASN D 33 17.74 -0.31 32.77
C ASN D 33 17.31 -1.77 32.55
N GLY D 34 18.18 -2.55 31.90
CA GLY D 34 17.93 -3.98 31.69
C GLY D 34 17.25 -4.38 30.38
N ASN D 35 16.56 -3.44 29.74
CA ASN D 35 15.94 -3.69 28.44
C ASN D 35 16.98 -3.67 27.33
N THR D 36 16.61 -4.24 26.18
CA THR D 36 17.53 -4.36 25.04
C THR D 36 16.82 -3.77 23.83
N TYR D 37 17.29 -2.59 23.39
CA TYR D 37 16.56 -1.83 22.38
C TYR D 37 17.05 -2.12 20.95
N LEU D 38 16.80 -3.34 20.50
CA LEU D 38 17.18 -3.82 19.17
C LEU D 38 15.90 -4.12 18.42
N HIS D 39 15.73 -3.51 17.24
CA HIS D 39 14.48 -3.61 16.50
C HIS D 39 14.72 -4.05 15.04
N TRP D 40 13.69 -4.61 14.42
CA TRP D 40 13.80 -5.04 13.02
C TRP D 40 12.75 -4.36 12.14
N TYR D 41 13.21 -3.89 10.98
CA TYR D 41 12.38 -3.22 9.97
C TYR D 41 12.46 -3.96 8.63
N LEU D 42 11.40 -3.83 7.85
CA LEU D 42 11.38 -4.24 6.46
C LEU D 42 11.04 -2.99 5.63
N GLN D 43 11.85 -2.74 4.61
CA GLN D 43 11.58 -1.64 3.69
C GLN D 43 11.22 -2.24 2.35
N LYS D 44 9.94 -2.16 2.04
CA LYS D 44 9.43 -2.68 0.78
C LYS D 44 9.79 -1.65 -0.27
N PRO D 45 10.07 -2.08 -1.51
CA PRO D 45 10.61 -1.10 -2.46
C PRO D 45 9.65 0.07 -2.74
N GLY D 46 10.20 1.28 -2.86
CA GLY D 46 9.39 2.49 -2.98
C GLY D 46 8.87 3.11 -1.68
N GLN D 47 8.99 2.39 -0.58
CA GLN D 47 8.37 2.79 0.67
C GLN D 47 9.37 3.16 1.77
N SER D 48 8.89 3.80 2.84
CA SER D 48 9.67 3.96 4.05
C SER D 48 9.82 2.61 4.75
N PRO D 49 10.83 2.46 5.65
CA PRO D 49 10.89 1.23 6.43
C PRO D 49 9.64 1.08 7.32
N LYS D 50 9.27 -0.15 7.60
CA LYS D 50 8.12 -0.46 8.46
C LYS D 50 8.64 -1.33 9.58
N LEU D 51 8.22 -1.04 10.82
CA LEU D 51 8.62 -1.82 11.99
C LEU D 51 7.96 -3.21 12.05
N LEU D 52 8.79 -4.21 12.26
CA LEU D 52 8.32 -5.59 12.43
C LEU D 52 8.36 -6.05 13.88
N ILE D 53 9.50 -5.81 14.53
CA ILE D 53 9.79 -6.36 15.86
C ILE D 53 10.58 -5.32 16.64
N TYR D 54 10.10 -5.00 17.85
CA TYR D 54 10.80 -4.10 18.77
C TYR D 54 11.26 -4.87 20.00
N LYS D 55 12.34 -4.36 20.62
CA LYS D 55 12.97 -4.98 21.79
C LYS D 55 13.18 -6.49 21.64
N VAL D 56 13.95 -6.84 20.61
CA VAL D 56 14.37 -8.21 20.30
C VAL D 56 13.30 -9.15 19.75
N SER D 57 12.12 -9.20 20.38
CA SER D 57 11.20 -10.29 20.07
C SER D 57 9.72 -9.92 20.18
N ASN D 58 9.41 -8.64 20.34
CA ASN D 58 8.01 -8.25 20.45
C ASN D 58 7.51 -7.88 19.08
N LEU D 59 6.51 -8.60 18.59
CA LEU D 59 5.86 -8.29 17.32
C LEU D 59 5.11 -6.97 17.43
N PHE D 60 5.34 -6.07 16.48
CA PHE D 60 4.62 -4.80 16.43
C PHE D 60 3.19 -5.08 15.95
N SER D 61 2.21 -4.30 16.42
CA SER D 61 0.81 -4.53 16.07
C SER D 61 0.61 -4.77 14.57
N GLY D 62 -0.09 -5.85 14.24
CA GLY D 62 -0.44 -6.17 12.86
C GLY D 62 0.55 -7.08 12.15
N VAL D 63 1.74 -7.29 12.72
CA VAL D 63 2.76 -8.10 12.04
C VAL D 63 2.46 -9.58 12.25
N PRO D 64 2.48 -10.39 11.16
CA PRO D 64 2.13 -11.81 11.33
C PRO D 64 3.15 -12.61 12.15
N ASP D 65 2.66 -13.67 12.80
CA ASP D 65 3.45 -14.48 13.73
C ASP D 65 4.41 -15.41 12.99
N ARG D 66 4.43 -15.34 11.67
CA ARG D 66 5.50 -15.99 10.90
C ARG D 66 6.89 -15.32 11.10
N PHE D 67 6.90 -14.06 11.54
CA PHE D 67 8.16 -13.38 11.87
C PHE D 67 8.41 -13.60 13.34
N SER D 68 9.65 -13.86 13.71
CA SER D 68 10.05 -13.94 15.13
C SER D 68 11.47 -13.39 15.26
N GLY D 69 11.80 -12.91 16.45
CA GLY D 69 13.13 -12.37 16.70
C GLY D 69 13.67 -12.95 17.96
N SER D 70 14.99 -13.09 18.03
CA SER D 70 15.62 -13.62 19.24
C SER D 70 17.05 -13.10 19.33
N GLY D 71 17.73 -13.45 20.41
CA GLY D 71 19.13 -13.09 20.58
C GLY D 71 19.29 -12.33 21.86
N SER D 72 20.51 -11.88 22.14
CA SER D 72 20.83 -11.14 23.36
C SER D 72 22.19 -10.46 23.23
N GLY D 73 22.39 -9.40 24.02
CA GLY D 73 23.67 -8.71 24.08
C GLY D 73 24.09 -8.08 22.78
N THR D 74 24.89 -8.83 22.01
CA THR D 74 25.45 -8.35 20.76
C THR D 74 24.96 -9.11 19.51
N ASP D 75 24.22 -10.19 19.72
CA ASP D 75 23.93 -11.15 18.63
C ASP D 75 22.44 -11.43 18.49
N PHE D 76 21.88 -11.09 17.33
CA PHE D 76 20.44 -11.18 17.14
C PHE D 76 20.06 -11.82 15.82
N THR D 77 18.85 -12.38 15.79
CA THR D 77 18.38 -13.09 14.61
C THR D 77 16.89 -12.83 14.38
N LEU D 78 16.56 -12.52 13.13
CA LEU D 78 15.18 -12.45 12.67
C LEU D 78 14.93 -13.70 11.84
N LYS D 79 13.79 -14.36 12.09
CA LYS D 79 13.40 -15.52 11.34
C LYS D 79 12.02 -15.37 10.74
N ILE D 80 11.87 -15.86 9.51
CA ILE D 80 10.56 -16.04 8.92
C ILE D 80 10.36 -17.54 8.75
N SER D 81 9.28 -18.06 9.34
CA SER D 81 9.02 -19.51 9.32
C SER D 81 8.75 -20.01 7.90
N ARG D 82 7.92 -19.27 7.18
CA ARG D 82 7.54 -19.61 5.80
C ARG D 82 7.47 -18.29 5.06
N VAL D 83 8.34 -18.09 4.08
CA VAL D 83 8.42 -16.83 3.38
C VAL D 83 7.31 -16.69 2.34
N GLU D 84 6.71 -15.51 2.29
CA GLU D 84 5.70 -15.21 1.27
C GLU D 84 6.15 -14.10 0.32
N ALA D 85 5.52 -14.03 -0.86
CA ALA D 85 5.92 -13.05 -1.87
C ALA D 85 5.99 -11.63 -1.30
N GLU D 86 5.10 -11.32 -0.35
CA GLU D 86 5.02 -10.01 0.30
C GLU D 86 6.19 -9.68 1.20
N ASP D 87 7.07 -10.65 1.42
CA ASP D 87 8.13 -10.49 2.42
C ASP D 87 9.41 -9.97 1.78
N VAL D 88 9.38 -9.77 0.46
CA VAL D 88 10.52 -9.24 -0.26
C VAL D 88 10.78 -7.76 0.03
N GLY D 89 12.08 -7.40 0.08
CA GLY D 89 12.50 -6.04 0.35
C GLY D 89 13.78 -6.05 1.16
N VAL D 90 14.12 -4.93 1.77
CA VAL D 90 15.34 -4.86 2.54
C VAL D 90 15.05 -4.84 4.02
N TYR D 91 15.61 -5.82 4.72
CA TYR D 91 15.49 -5.93 6.17
C TYR D 91 16.63 -5.19 6.88
N PHE D 92 16.28 -4.32 7.83
CA PHE D 92 17.28 -3.58 8.60
C PHE D 92 17.12 -3.85 10.08
N CYS D 93 18.23 -4.13 10.76
CA CYS D 93 18.22 -4.07 12.23
C CYS D 93 18.48 -2.63 12.71
N SER D 94 17.95 -2.30 13.88
CA SER D 94 17.97 -0.93 14.38
C SER D 94 18.23 -0.97 15.86
N GLN D 95 19.10 -0.10 16.38
CA GLN D 95 19.31 -0.02 17.84
C GLN D 95 19.00 1.36 18.38
N SER D 96 18.34 1.40 19.53
CA SER D 96 18.05 2.66 20.18
C SER D 96 18.51 2.67 21.66
N THR D 97 19.50 1.84 21.94
CA THR D 97 20.13 1.82 23.26
C THR D 97 21.10 2.98 23.46
N HIS D 98 21.97 3.21 22.48
CA HIS D 98 23.04 4.22 22.58
C HIS D 98 22.92 5.25 21.47
N PHE D 99 23.12 6.52 21.81
CA PHE D 99 23.30 7.55 20.80
C PHE D 99 24.73 7.50 20.27
N PRO D 100 24.92 7.77 18.96
CA PRO D 100 23.87 7.99 17.95
C PRO D 100 23.15 6.69 17.58
N PHE D 101 21.82 6.75 17.38
CA PHE D 101 21.08 5.56 16.94
C PHE D 101 21.66 5.13 15.59
N THR D 102 21.66 3.83 15.33
CA THR D 102 22.33 3.30 14.13
C THR D 102 21.50 2.17 13.55
N PHE D 103 21.78 1.84 12.29
CA PHE D 103 21.11 0.77 11.54
C PHE D 103 22.15 -0.14 10.88
N GLY D 104 21.77 -1.41 10.69
CA GLY D 104 22.55 -2.34 9.90
C GLY D 104 22.55 -1.92 8.43
N GLN D 105 23.45 -2.48 7.63
CA GLN D 105 23.53 -2.12 6.21
C GLN D 105 22.34 -2.64 5.40
N GLY D 106 21.63 -3.61 5.95
CA GLY D 106 20.44 -4.13 5.30
C GLY D 106 20.64 -5.50 4.64
N THR D 107 19.58 -6.32 4.64
CA THR D 107 19.59 -7.63 3.97
C THR D 107 18.49 -7.64 2.93
N LYS D 108 18.87 -7.81 1.66
CA LYS D 108 17.91 -7.77 0.57
C LYS D 108 17.33 -9.15 0.29
N LEU D 109 16.06 -9.31 0.61
CA LEU D 109 15.41 -10.59 0.41
C LEU D 109 14.73 -10.53 -0.94
N GLU D 110 15.01 -11.55 -1.77
CA GLU D 110 14.46 -11.63 -3.12
C GLU D 110 13.94 -13.05 -3.38
N ILE D 111 13.28 -13.27 -4.52
CA ILE D 111 12.70 -14.57 -4.82
C ILE D 111 13.71 -15.44 -5.58
N LYS D 112 13.97 -16.64 -5.08
CA LYS D 112 14.83 -17.61 -5.76
C LYS D 112 14.01 -18.30 -6.82
N ARG D 113 14.63 -18.55 -7.97
CA ARG D 113 14.01 -19.29 -9.06
C ARG D 113 15.10 -20.00 -9.87
N THR D 114 14.69 -20.72 -10.90
CA THR D 114 15.66 -21.46 -11.72
C THR D 114 16.49 -20.50 -12.56
N VAL D 115 17.67 -20.96 -12.98
CA VAL D 115 18.54 -20.16 -13.85
C VAL D 115 17.87 -19.91 -15.19
N ALA D 116 17.94 -18.67 -15.66
CA ALA D 116 17.41 -18.32 -16.95
C ALA D 116 18.38 -17.43 -17.70
N ALA D 117 18.64 -17.79 -18.95
CA ALA D 117 19.52 -17.04 -19.84
C ALA D 117 18.89 -15.73 -20.30
N PRO D 118 19.71 -14.68 -20.48
CA PRO D 118 19.19 -13.44 -21.05
C PRO D 118 18.95 -13.56 -22.56
N SER D 119 17.90 -12.91 -23.05
CA SER D 119 17.74 -12.68 -24.48
C SER D 119 18.46 -11.36 -24.77
N VAL D 120 19.34 -11.37 -25.78
CA VAL D 120 20.24 -10.24 -26.02
C VAL D 120 19.92 -9.48 -27.31
N PHE D 121 19.92 -8.15 -27.22
CA PHE D 121 19.65 -7.29 -28.38
C PHE D 121 20.62 -6.12 -28.44
N ILE D 122 21.10 -5.79 -29.63
CA ILE D 122 21.96 -4.61 -29.81
C ILE D 122 21.23 -3.56 -30.65
N PHE D 123 21.40 -2.29 -30.30
CA PHE D 123 20.82 -1.17 -31.02
C PHE D 123 21.89 -0.14 -31.45
N PRO D 124 21.95 0.19 -32.76
CA PRO D 124 22.84 1.24 -33.22
C PRO D 124 22.34 2.62 -32.77
N PRO D 125 23.23 3.63 -32.75
CA PRO D 125 22.73 4.98 -32.50
C PRO D 125 21.79 5.38 -33.64
N SER D 126 20.74 6.13 -33.31
CA SER D 126 19.84 6.63 -34.33
C SER D 126 20.54 7.69 -35.18
N ASP D 127 20.05 7.88 -36.40
CA ASP D 127 20.56 8.93 -37.27
C ASP D 127 20.29 10.32 -36.67
N GLU D 128 19.22 10.41 -35.87
CA GLU D 128 18.87 11.67 -35.20
C GLU D 128 19.95 12.07 -34.18
N GLN D 129 20.45 11.09 -33.44
CA GLN D 129 21.49 11.36 -32.45
C GLN D 129 22.80 11.77 -33.10
N LEU D 130 23.18 11.05 -34.15
CA LEU D 130 24.45 11.31 -34.85
C LEU D 130 24.61 12.77 -35.24
N LYS D 131 23.54 13.37 -35.77
CA LYS D 131 23.52 14.81 -36.12
C LYS D 131 24.00 15.72 -35.00
N SER D 132 23.82 15.29 -33.75
CA SER D 132 24.18 16.12 -32.60
C SER D 132 25.62 15.89 -32.09
N GLY D 133 26.36 15.01 -32.76
CA GLY D 133 27.78 14.83 -32.46
C GLY D 133 28.10 13.79 -31.40
N THR D 134 27.16 12.89 -31.13
CA THR D 134 27.34 11.81 -30.15
C THR D 134 26.67 10.52 -30.64
N ALA D 135 27.24 9.38 -30.26
CA ALA D 135 26.69 8.08 -30.58
C ALA D 135 26.56 7.22 -29.32
N SER D 136 25.32 6.82 -29.01
CA SER D 136 25.08 5.83 -27.96
C SER D 136 24.70 4.50 -28.59
N VAL D 137 25.42 3.45 -28.21
CA VAL D 137 25.11 2.10 -28.65
C VAL D 137 24.56 1.36 -27.42
N VAL D 138 23.39 0.74 -27.56
CA VAL D 138 22.72 0.13 -26.43
C VAL D 138 22.68 -1.38 -26.59
N CYS D 139 22.96 -2.08 -25.50
CA CYS D 139 22.84 -3.52 -25.42
C CYS D 139 21.83 -3.91 -24.34
N LEU D 140 20.81 -4.66 -24.72
CA LEU D 140 19.77 -5.06 -23.77
C LEU D 140 19.91 -6.54 -23.44
N LEU D 141 19.86 -6.86 -22.15
CA LEU D 141 19.82 -8.26 -21.66
C LEU D 141 18.48 -8.44 -20.99
N ASN D 142 17.61 -9.24 -21.59
CA ASN D 142 16.24 -9.28 -21.16
C ASN D 142 15.88 -10.54 -20.42
N ASN D 143 15.29 -10.38 -19.23
CA ASN D 143 14.60 -11.45 -18.50
C ASN D 143 15.47 -12.63 -18.06
N PHE D 144 16.47 -12.36 -17.22
CA PHE D 144 17.44 -13.39 -16.82
C PHE D 144 17.51 -13.60 -15.32
N TYR D 145 18.12 -14.71 -14.90
CA TYR D 145 18.31 -15.05 -13.48
C TYR D 145 19.49 -16.00 -13.35
N PRO D 146 20.38 -15.78 -12.35
CA PRO D 146 20.35 -14.71 -11.35
C PRO D 146 20.86 -13.37 -11.90
N ARG D 147 20.95 -12.36 -11.01
CA ARG D 147 21.27 -10.98 -11.37
C ARG D 147 22.64 -10.81 -12.01
N GLU D 148 23.63 -11.55 -11.50
CA GLU D 148 25.00 -11.48 -11.97
C GLU D 148 25.10 -11.76 -13.49
N ALA D 149 25.71 -10.84 -14.23
CA ALA D 149 25.89 -10.94 -15.68
C ALA D 149 27.04 -10.01 -16.08
N LYS D 150 27.77 -10.35 -17.13
CA LYS D 150 28.90 -9.55 -17.55
C LYS D 150 28.78 -9.13 -19.01
N VAL D 151 28.77 -7.81 -19.22
CA VAL D 151 28.72 -7.25 -20.57
C VAL D 151 30.09 -6.70 -20.95
N GLN D 152 30.63 -7.15 -22.10
CA GLN D 152 31.87 -6.59 -22.65
C GLN D 152 31.57 -5.98 -24.01
N TRP D 153 31.98 -4.73 -24.19
CA TRP D 153 31.83 -4.06 -25.48
C TRP D 153 33.08 -4.26 -26.30
N LYS D 154 32.88 -4.51 -27.59
CA LYS D 154 33.99 -4.61 -28.53
C LYS D 154 33.73 -3.81 -29.80
N VAL D 155 34.73 -3.02 -30.17
CA VAL D 155 34.68 -2.18 -31.36
C VAL D 155 35.83 -2.62 -32.28
N ASP D 156 35.47 -3.10 -33.47
CA ASP D 156 36.43 -3.76 -34.37
C ASP D 156 37.24 -4.84 -33.64
N ASN D 157 36.57 -5.60 -32.78
CA ASN D 157 37.18 -6.66 -31.95
C ASN D 157 38.21 -6.16 -30.91
N ALA D 158 38.14 -4.88 -30.55
CA ALA D 158 38.95 -4.34 -29.47
C ALA D 158 38.08 -4.14 -28.23
N LEU D 159 38.56 -4.64 -27.08
CA LEU D 159 37.83 -4.54 -25.83
C LEU D 159 37.77 -3.12 -25.32
N GLN D 160 36.56 -2.65 -25.02
CA GLN D 160 36.32 -1.29 -24.52
C GLN D 160 36.36 -1.24 -23.01
N SER D 161 36.78 -0.10 -22.46
CA SER D 161 36.77 0.11 -21.01
C SER D 161 36.47 1.56 -20.68
N GLY D 162 35.67 1.76 -19.63
CA GLY D 162 35.46 3.08 -19.07
C GLY D 162 34.48 3.95 -19.84
N ASN D 163 34.05 3.50 -21.03
CA ASN D 163 33.13 4.29 -21.87
C ASN D 163 31.71 3.72 -21.96
N SER D 164 31.36 2.87 -20.99
CA SER D 164 30.04 2.27 -20.92
C SER D 164 29.43 2.38 -19.52
N GLN D 165 28.11 2.47 -19.46
CA GLN D 165 27.40 2.48 -18.20
C GLN D 165 26.26 1.48 -18.25
N GLU D 166 26.01 0.85 -17.10
CA GLU D 166 25.05 -0.25 -16.92
C GLU D 166 23.95 0.15 -15.95
N SER D 167 22.76 -0.41 -16.19
CA SER D 167 21.61 -0.19 -15.34
C SER D 167 20.76 -1.48 -15.33
N VAL D 168 20.25 -1.85 -14.14
CA VAL D 168 19.49 -3.12 -13.98
C VAL D 168 18.12 -2.91 -13.29
N THR D 169 17.08 -3.59 -13.78
CA THR D 169 15.76 -3.54 -13.15
C THR D 169 15.76 -4.30 -11.83
N GLU D 170 14.75 -4.02 -10.99
CA GLU D 170 14.48 -4.83 -9.84
C GLU D 170 13.75 -6.08 -10.31
N GLN D 171 13.77 -7.10 -9.47
CA GLN D 171 13.23 -8.39 -9.83
C GLN D 171 11.77 -8.29 -10.29
N ASP D 172 11.43 -8.94 -11.40
CA ASP D 172 10.07 -8.90 -11.94
C ASP D 172 9.10 -9.65 -11.01
N SER D 173 7.97 -9.03 -10.71
CA SER D 173 7.04 -9.56 -9.72
C SER D 173 6.38 -10.87 -10.22
N LYS D 174 6.38 -11.10 -11.52
CA LYS D 174 5.67 -12.24 -12.10
C LYS D 174 6.56 -13.43 -12.46
N ASP D 175 7.67 -13.17 -13.15
CA ASP D 175 8.61 -14.23 -13.54
C ASP D 175 9.91 -14.23 -12.75
N SER D 176 10.06 -13.29 -11.82
CA SER D 176 11.24 -13.22 -10.94
C SER D 176 12.60 -13.01 -11.64
N THR D 177 12.58 -12.44 -12.83
CA THR D 177 13.82 -12.20 -13.59
C THR D 177 14.27 -10.75 -13.45
N TYR D 178 15.48 -10.51 -13.95
CA TYR D 178 16.07 -9.18 -14.10
C TYR D 178 16.26 -8.87 -15.57
N SER D 179 16.30 -7.57 -15.88
CA SER D 179 16.81 -7.12 -17.16
C SER D 179 17.86 -6.05 -16.93
N LEU D 180 18.76 -5.90 -17.89
CA LEU D 180 19.89 -5.00 -17.80
C LEU D 180 20.11 -4.28 -19.13
N SER D 181 20.44 -2.99 -19.07
CA SER D 181 20.86 -2.26 -20.25
C SER D 181 22.26 -1.74 -20.05
N SER D 182 23.08 -1.86 -21.09
CA SER D 182 24.41 -1.27 -21.12
C SER D 182 24.47 -0.28 -22.27
N THR D 183 25.01 0.91 -21.99
CA THR D 183 25.17 1.92 -23.03
C THR D 183 26.63 2.25 -23.23
N LEU D 184 27.09 2.13 -24.47
CA LEU D 184 28.42 2.60 -24.85
C LEU D 184 28.25 3.95 -25.53
N THR D 185 29.00 4.93 -25.04
CA THR D 185 28.97 6.28 -25.58
C THR D 185 30.31 6.60 -26.22
N LEU D 186 30.27 7.04 -27.48
CA LEU D 186 31.44 7.50 -28.20
C LEU D 186 31.13 8.85 -28.83
N SER D 187 32.17 9.65 -29.06
CA SER D 187 32.00 10.83 -29.88
C SER D 187 31.61 10.37 -31.28
N LYS D 188 30.92 11.23 -32.01
CA LYS D 188 30.52 10.93 -33.39
C LYS D 188 31.74 10.53 -34.23
N ALA D 189 32.83 11.30 -34.09
CA ALA D 189 34.09 11.04 -34.78
C ALA D 189 34.65 9.63 -34.55
N ASP D 190 34.65 9.19 -33.30
CA ASP D 190 35.18 7.86 -32.96
C ASP D 190 34.29 6.74 -33.50
N TYR D 191 32.97 6.96 -33.40
CA TYR D 191 32.00 6.00 -33.90
C TYR D 191 32.19 5.78 -35.40
N GLU D 192 32.47 6.86 -36.12
CA GLU D 192 32.63 6.80 -37.56
C GLU D 192 33.92 6.17 -38.06
N LYS D 193 34.94 6.07 -37.21
CA LYS D 193 36.20 5.45 -37.66
C LYS D 193 36.26 3.92 -37.47
N HIS D 194 35.19 3.32 -36.96
CA HIS D 194 35.11 1.86 -36.81
C HIS D 194 33.86 1.24 -37.46
N LYS D 195 33.96 -0.05 -37.79
CA LYS D 195 32.90 -0.77 -38.50
C LYS D 195 32.03 -1.66 -37.58
N VAL D 196 32.69 -2.55 -36.84
CA VAL D 196 31.99 -3.62 -36.11
C VAL D 196 31.79 -3.31 -34.63
N TYR D 197 30.53 -3.25 -34.23
CA TYR D 197 30.15 -2.94 -32.86
C TYR D 197 29.46 -4.17 -32.29
N ALA D 198 30.01 -4.71 -31.21
CA ALA D 198 29.47 -5.92 -30.61
C ALA D 198 29.30 -5.84 -29.10
N CYS D 199 28.21 -6.43 -28.64
CA CYS D 199 27.96 -6.64 -27.22
C CYS D 199 28.17 -8.13 -26.97
N GLU D 200 29.10 -8.48 -26.08
CA GLU D 200 29.28 -9.88 -25.71
C GLU D 200 28.86 -10.10 -24.27
N VAL D 201 28.01 -11.09 -24.06
CA VAL D 201 27.30 -11.27 -22.78
C VAL D 201 27.68 -12.59 -22.14
N THR D 202 28.12 -12.53 -20.90
CA THR D 202 28.43 -13.73 -20.13
C THR D 202 27.40 -13.88 -19.01
N HIS D 203 26.78 -15.06 -18.91
CA HIS D 203 25.78 -15.34 -17.86
C HIS D 203 25.69 -16.84 -17.57
N GLN D 204 25.33 -17.17 -16.33
CA GLN D 204 25.20 -18.57 -15.90
C GLN D 204 24.26 -19.41 -16.77
N GLY D 205 23.18 -18.81 -17.27
CA GLY D 205 22.24 -19.53 -18.14
C GLY D 205 22.73 -19.81 -19.56
N LEU D 206 23.89 -19.28 -19.92
CA LEU D 206 24.50 -19.46 -21.25
C LEU D 206 25.70 -20.40 -21.15
N SER D 207 25.79 -21.36 -22.07
CA SER D 207 26.90 -22.34 -22.04
C SER D 207 28.23 -21.68 -22.42
N SER D 208 28.15 -20.68 -23.29
CA SER D 208 29.29 -19.84 -23.63
C SER D 208 28.76 -18.42 -23.92
N PRO D 209 29.66 -17.43 -24.06
CA PRO D 209 29.13 -16.07 -24.20
C PRO D 209 28.42 -15.85 -25.53
N VAL D 210 27.32 -15.10 -25.49
CA VAL D 210 26.53 -14.73 -26.66
C VAL D 210 26.98 -13.35 -27.13
N THR D 211 27.14 -13.19 -28.44
CA THR D 211 27.54 -11.91 -29.00
C THR D 211 26.52 -11.42 -30.01
N LYS D 212 26.05 -10.18 -29.83
CA LYS D 212 25.21 -9.56 -30.84
C LYS D 212 25.98 -8.39 -31.42
N SER D 213 25.94 -8.25 -32.75
CA SER D 213 26.73 -7.19 -33.36
C SER D 213 26.03 -6.56 -34.56
N PHE D 214 26.53 -5.41 -34.98
CA PHE D 214 26.12 -4.80 -36.23
C PHE D 214 27.33 -4.16 -36.90
N ASN D 215 27.24 -4.01 -38.21
CA ASN D 215 28.22 -3.25 -38.96
C ASN D 215 27.65 -1.86 -39.22
N ARG D 216 28.38 -0.84 -38.75
CA ARG D 216 27.96 0.56 -38.91
C ARG D 216 27.57 0.80 -40.36
N GLY D 217 26.36 1.33 -40.57
CA GLY D 217 25.87 1.59 -41.92
C GLY D 217 24.89 0.53 -42.42
N GLU D 218 25.25 -0.74 -42.24
CA GLU D 218 24.43 -1.86 -42.71
C GLU D 218 23.21 -2.08 -41.81
OAA NKN E . -9.33 17.17 -21.03
OAB NKN E . -10.33 14.91 -20.56
PAC NKN E . -10.55 16.38 -20.71
OAD NKN E . -11.75 16.73 -21.57
OAE NKN E . -14.32 15.01 -15.77
OAF NKN E . -11.02 16.85 -19.25
CAG NKN E . -10.10 16.72 -18.16
CAH NKN E . -10.84 17.07 -16.87
CAI NKN E . -11.96 16.07 -16.64
OAJ NKN E . -12.80 16.73 -15.70
CAK NKN E . -14.05 16.15 -15.34
CAL NKN E . -14.99 16.96 -14.46
CAM NKN E . -14.56 18.44 -14.39
CAN NKN E . -15.60 19.34 -13.72
CAO NKN E . -15.22 20.82 -13.97
CAP NKN E . -15.88 21.81 -13.01
CAQ NKN E . -15.06 23.11 -13.03
CAR NKN E . -15.63 24.17 -12.07
CAS NKN E . -14.85 25.50 -12.19
CAT NKN E . -15.07 26.15 -13.56
CAU NKN E . -15.07 27.67 -13.47
CAV NKN E . -14.32 28.28 -14.65
CAW NKN E . -15.27 28.81 -15.71
CAX NKN E . -14.69 30.05 -16.37
OAY NKN E . -9.94 17.05 -15.76
OAA NKN F . 11.93 0.96 28.07
OAB NKN F . 9.39 1.33 27.93
PAC NKN F . 10.69 1.02 27.23
OAD NKN F . 10.57 -0.12 26.23
OAE NKN F . 14.13 3.19 22.57
OAF NKN F . 10.95 2.30 26.30
CAG NKN F . 9.96 2.80 25.39
CAH NKN F . 10.59 3.98 24.65
CAI NKN F . 11.67 3.44 23.73
OAJ NKN F . 12.59 4.52 23.58
CAK NKN F . 13.85 4.32 22.93
CAL NKN F . 14.80 5.50 22.73
CAM NKN F . 14.53 6.60 23.76
CAN NKN F . 15.46 7.79 23.60
CAO NKN F . 15.17 8.84 24.68
CAP NKN F . 15.79 10.19 24.41
CAQ NKN F . 14.90 11.27 25.04
CAR NKN F . 15.67 12.54 25.38
CAS NKN F . 15.08 13.28 26.57
CAT NKN F . 14.17 14.40 26.10
CAU NKN F . 13.45 15.08 27.25
CAV NKN F . 14.36 15.99 28.07
CAW NKN F . 13.60 17.22 28.56
CAX NKN F . 13.57 17.22 30.08
OAY NKN F . 9.64 4.65 23.84
#